data_5ZWV
#
_entry.id   5ZWV
#
_cell.length_a   121.815
_cell.length_b   121.815
_cell.length_c   155.365
_cell.angle_alpha   90.00
_cell.angle_beta   90.00
_cell.angle_gamma   90.00
#
_symmetry.space_group_name_H-M   'I 4'
#
loop_
_entity.id
_entity.type
_entity.pdbx_description
1 polymer Est-Y29
2 water water
#
_entity_poly.entity_id   1
_entity_poly.type   'polypeptide(L)'
_entity_poly.pdbx_seq_one_letter_code
;MRGSHHHHHHGSMPDLLTNVAENYVNQDLFAGIEWRIDQDGKPIFQGCAGVKDIETRTFIPKNAIYRIYSMTKPIVSFLA
MMLIERGVFRLSSPIQNFDPRFKSMKVIDQHAHIEPATALITIEHLLTHQAGFSYDWSLGCPISAHYRDAQLIEDGGRDL
TDMMGVLAELPLVFHPGTQWKYSISTDVLAHIIECATGERVDDLLQRLIFDPLDMQDTGFSLPLDGASRLMEVYGMRSLH
GLPALKPAPHVLVPADLGSSHPTDDPDFRRGGHGLYSTLDDYMAFANMLLSGQTPEGETLLSPAVLKLALAPRVHFGARG
MRINDEPFAGYSWNLLGRVMTDVGAAAYATHLGEFGWSGAAATYFWVDPTKNMTGCVMTQFLGSQHPIGSDMQAAAMSML
G
;
_entity_poly.pdbx_strand_id   B,A
#
# COMPACT_ATOMS: atom_id res chain seq x y z
N MET A 13 -26.64 12.24 -37.73
CA MET A 13 -27.75 13.09 -38.16
C MET A 13 -28.85 13.32 -37.07
N PRO A 14 -29.38 12.28 -36.43
CA PRO A 14 -30.30 12.53 -35.30
C PRO A 14 -29.52 12.99 -34.08
N ASP A 15 -30.26 13.50 -33.09
CA ASP A 15 -29.64 14.10 -31.90
C ASP A 15 -29.25 12.98 -30.94
N LEU A 16 -28.06 12.41 -31.18
CA LEU A 16 -27.56 11.33 -30.34
C LEU A 16 -27.23 11.81 -28.94
N LEU A 17 -26.84 13.08 -28.80
CA LEU A 17 -26.51 13.65 -27.50
C LEU A 17 -27.69 13.60 -26.55
N THR A 18 -28.84 14.11 -26.99
CA THR A 18 -30.05 14.05 -26.18
C THR A 18 -30.42 12.61 -25.87
N ASN A 19 -30.32 11.72 -26.87
CA ASN A 19 -30.67 10.34 -26.64
C ASN A 19 -29.83 9.72 -25.53
N VAL A 20 -28.51 9.94 -25.59
CA VAL A 20 -27.61 9.41 -24.57
C VAL A 20 -28.01 9.93 -23.19
N ALA A 21 -28.15 11.24 -23.07
CA ALA A 21 -28.43 11.84 -21.77
C ALA A 21 -29.80 11.44 -21.25
N GLU A 22 -30.82 11.39 -22.11
CA GLU A 22 -32.16 11.02 -21.65
C GLU A 22 -32.18 9.57 -21.19
N ASN A 23 -31.49 8.68 -21.90
CA ASN A 23 -31.45 7.28 -21.49
C ASN A 23 -30.79 7.12 -20.13
N TYR A 24 -29.71 7.88 -19.88
CA TYR A 24 -29.05 7.79 -18.58
C TYR A 24 -29.98 8.25 -17.46
N VAL A 25 -30.71 9.34 -17.69
CA VAL A 25 -31.67 9.84 -16.69
C VAL A 25 -32.80 8.82 -16.51
N ASN A 26 -33.36 8.32 -17.63
CA ASN A 26 -34.50 7.40 -17.57
C ASN A 26 -34.13 6.04 -17.00
N GLN A 27 -32.86 5.63 -17.07
CA GLN A 27 -32.43 4.39 -16.43
C GLN A 27 -31.99 4.61 -14.99
N ASP A 28 -32.28 5.79 -14.42
CA ASP A 28 -31.94 6.13 -13.04
C ASP A 28 -30.44 5.98 -12.76
N LEU A 29 -29.61 6.28 -13.76
CA LEU A 29 -28.17 6.23 -13.57
C LEU A 29 -27.56 7.58 -13.21
N PHE A 30 -28.18 8.69 -13.63
CA PHE A 30 -27.74 10.02 -13.28
C PHE A 30 -28.96 10.87 -12.96
N ALA A 31 -28.82 11.78 -12.00
CA ALA A 31 -29.95 12.61 -11.59
C ALA A 31 -30.25 13.68 -12.62
N GLY A 32 -29.23 14.42 -13.05
CA GLY A 32 -29.41 15.51 -13.99
C GLY A 32 -28.13 15.74 -14.77
N ILE A 33 -28.29 16.13 -16.03
CA ILE A 33 -27.18 16.25 -16.98
C ILE A 33 -27.40 17.51 -17.82
N GLU A 34 -26.35 18.31 -17.99
CA GLU A 34 -26.34 19.41 -18.94
C GLU A 34 -25.16 19.24 -19.90
N TRP A 35 -25.35 19.67 -21.15
CA TRP A 35 -24.27 19.57 -22.12
C TRP A 35 -24.38 20.72 -23.11
N ARG A 36 -23.23 21.05 -23.70
CA ARG A 36 -23.14 22.04 -24.75
C ARG A 36 -21.96 21.69 -25.66
N ILE A 37 -22.19 21.82 -26.96
CA ILE A 37 -21.17 21.70 -28.01
C ILE A 37 -21.11 23.03 -28.73
N ASP A 38 -19.92 23.63 -28.79
CA ASP A 38 -19.71 24.84 -29.58
C ASP A 38 -18.85 24.50 -30.79
N GLN A 39 -19.08 25.23 -31.87
CA GLN A 39 -18.19 25.20 -33.03
C GLN A 39 -17.94 26.62 -33.46
N ASP A 40 -16.67 26.96 -33.68
CA ASP A 40 -16.28 28.33 -34.01
C ASP A 40 -16.76 29.31 -32.93
N GLY A 41 -16.71 28.87 -31.67
CA GLY A 41 -17.02 29.71 -30.53
C GLY A 41 -18.49 29.99 -30.30
N LYS A 42 -19.39 29.29 -30.99
CA LYS A 42 -20.83 29.49 -30.86
C LYS A 42 -21.52 28.16 -30.62
N PRO A 43 -22.58 28.13 -29.82
CA PRO A 43 -23.23 26.85 -29.51
C PRO A 43 -23.86 26.24 -30.76
N ILE A 44 -23.74 24.92 -30.90
CA ILE A 44 -24.35 24.24 -32.04
C ILE A 44 -25.28 23.14 -31.53
N PHE A 45 -24.93 22.49 -30.42
CA PHE A 45 -25.84 21.58 -29.72
C PHE A 45 -25.81 21.89 -28.23
N GLN A 46 -26.96 21.73 -27.58
CA GLN A 46 -27.05 21.96 -26.15
C GLN A 46 -28.32 21.29 -25.64
N GLY A 47 -28.35 21.02 -24.35
CA GLY A 47 -29.54 20.44 -23.77
C GLY A 47 -29.33 20.17 -22.30
N CYS A 48 -30.42 19.72 -21.67
CA CYS A 48 -30.39 19.26 -20.29
C CYS A 48 -31.35 18.10 -20.16
N ALA A 49 -31.18 17.32 -19.11
CA ALA A 49 -32.01 16.14 -18.87
C ALA A 49 -32.04 15.85 -17.37
N GLY A 50 -33.21 15.46 -16.89
CA GLY A 50 -33.34 15.10 -15.49
C GLY A 50 -33.56 16.32 -14.61
N VAL A 51 -33.03 16.24 -13.39
CA VAL A 51 -33.40 17.17 -12.31
C VAL A 51 -32.17 17.52 -11.49
N LYS A 52 -32.31 18.57 -10.68
CA LYS A 52 -31.25 18.97 -9.77
C LYS A 52 -30.99 17.89 -8.71
N ASP A 53 -32.04 17.30 -8.17
CA ASP A 53 -31.92 16.26 -7.15
C ASP A 53 -33.16 15.38 -7.23
N ILE A 54 -32.97 14.07 -7.10
CA ILE A 54 -34.10 13.15 -7.23
C ILE A 54 -34.96 13.10 -5.97
N GLU A 55 -34.46 13.60 -4.85
CA GLU A 55 -35.23 13.59 -3.61
C GLU A 55 -36.47 14.48 -3.73
N THR A 56 -36.30 15.70 -4.26
CA THR A 56 -37.43 16.60 -4.48
C THR A 56 -37.79 16.79 -5.95
N ARG A 57 -36.97 16.28 -6.87
CA ARG A 57 -37.19 16.46 -8.31
C ARG A 57 -37.28 17.94 -8.68
N THR A 58 -36.59 18.78 -7.93
CA THR A 58 -36.41 20.17 -8.33
C THR A 58 -35.77 20.24 -9.70
N PHE A 59 -36.26 21.13 -10.56
CA PHE A 59 -35.73 21.27 -11.90
C PHE A 59 -34.31 21.82 -11.86
N ILE A 60 -33.50 21.44 -12.84
CA ILE A 60 -32.15 21.96 -12.99
C ILE A 60 -32.23 23.48 -13.12
N PRO A 61 -31.66 24.23 -12.20
CA PRO A 61 -31.79 25.70 -12.26
C PRO A 61 -30.96 26.29 -13.40
N LYS A 62 -31.23 27.56 -13.69
CA LYS A 62 -30.38 28.30 -14.61
C LYS A 62 -29.00 28.46 -13.98
N ASN A 63 -27.97 28.27 -14.80
CA ASN A 63 -26.58 28.28 -14.36
C ASN A 63 -26.38 27.38 -13.14
N ALA A 64 -26.76 26.13 -13.33
CA ALA A 64 -26.51 25.14 -12.30
C ALA A 64 -25.02 25.03 -12.05
N ILE A 65 -24.66 24.75 -10.80
CA ILE A 65 -23.28 24.75 -10.34
C ILE A 65 -22.85 23.32 -10.07
N TYR A 66 -21.66 22.95 -10.52
CA TYR A 66 -21.15 21.59 -10.41
C TYR A 66 -19.79 21.59 -9.72
N ARG A 67 -19.52 20.53 -8.96
CA ARG A 67 -18.17 20.24 -8.48
C ARG A 67 -17.43 19.56 -9.63
N ILE A 68 -16.44 20.25 -10.20
CA ILE A 68 -15.78 19.75 -11.40
C ILE A 68 -14.56 18.88 -11.08
N TYR A 69 -14.18 18.74 -9.81
CA TYR A 69 -13.07 17.90 -9.38
C TYR A 69 -11.85 18.08 -10.29
N SER A 70 -11.36 17.01 -10.95
CA SER A 70 -10.09 17.09 -11.69
C SER A 70 -10.15 17.98 -12.92
N MET A 71 -11.33 18.45 -13.32
CA MET A 71 -11.35 19.51 -14.33
C MET A 71 -10.81 20.82 -13.78
N THR A 72 -10.49 20.86 -12.49
CA THR A 72 -9.64 21.94 -11.96
C THR A 72 -8.25 21.90 -12.57
N LYS A 73 -7.73 20.69 -12.89
CA LYS A 73 -6.32 20.57 -13.26
C LYS A 73 -5.95 21.31 -14.54
N PRO A 74 -6.71 21.21 -15.65
CA PRO A 74 -6.36 22.02 -16.83
C PRO A 74 -6.34 23.51 -16.57
N ILE A 75 -7.18 23.99 -15.65
CA ILE A 75 -7.21 25.42 -15.35
C ILE A 75 -5.94 25.83 -14.60
N VAL A 76 -5.60 25.09 -13.56
CA VAL A 76 -4.38 25.43 -12.81
C VAL A 76 -3.15 25.21 -13.69
N SER A 77 -3.17 24.17 -14.54
CA SER A 77 -2.06 23.93 -15.47
C SER A 77 -1.92 25.09 -16.45
N PHE A 78 -3.05 25.57 -16.98
CA PHE A 78 -2.99 26.72 -17.88
C PHE A 78 -2.43 27.94 -17.15
N LEU A 79 -2.79 28.13 -15.87
CA LEU A 79 -2.23 29.25 -15.12
C LEU A 79 -0.71 29.14 -15.02
N ALA A 80 -0.22 27.91 -14.78
CA ALA A 80 1.23 27.71 -14.76
C ALA A 80 1.87 28.11 -16.08
N MET A 81 1.23 27.78 -17.21
CA MET A 81 1.80 28.15 -18.50
C MET A 81 1.84 29.66 -18.66
N MET A 82 0.79 30.36 -18.20
CA MET A 82 0.80 31.81 -18.20
C MET A 82 1.97 32.36 -17.40
N LEU A 83 2.22 31.80 -16.22
CA LEU A 83 3.32 32.28 -15.40
C LEU A 83 4.69 31.95 -16.01
N ILE A 84 4.80 30.82 -16.71
CA ILE A 84 6.03 30.54 -17.45
C ILE A 84 6.23 31.58 -18.54
N GLU A 85 5.17 31.90 -19.28
CA GLU A 85 5.27 32.92 -20.32
C GLU A 85 5.72 34.26 -19.73
N ARG A 86 5.24 34.58 -18.53
CA ARG A 86 5.59 35.83 -17.85
C ARG A 86 6.92 35.78 -17.12
N GLY A 87 7.61 34.64 -17.11
CA GLY A 87 8.93 34.56 -16.54
C GLY A 87 9.00 34.27 -15.05
N VAL A 88 7.89 33.89 -14.42
CA VAL A 88 7.91 33.58 -13.00
C VAL A 88 8.76 32.35 -12.72
N PHE A 89 8.62 31.31 -13.54
CA PHE A 89 9.51 30.15 -13.47
C PHE A 89 9.53 29.51 -14.85
N ARG A 90 10.16 28.35 -14.96
CA ARG A 90 10.20 27.65 -16.24
C ARG A 90 9.94 26.16 -16.01
N LEU A 91 9.71 25.45 -17.13
CA LEU A 91 9.44 24.01 -17.03
C LEU A 91 10.54 23.29 -16.27
N SER A 92 11.79 23.70 -16.47
CA SER A 92 12.93 23.04 -15.85
C SER A 92 13.21 23.51 -14.43
N SER A 93 12.45 24.45 -13.89
CA SER A 93 12.72 24.98 -12.54
C SER A 93 12.53 23.90 -11.48
N PRO A 94 13.52 23.60 -10.65
CA PRO A 94 13.29 22.70 -9.51
C PRO A 94 12.35 23.35 -8.49
N ILE A 95 11.32 22.61 -8.08
CA ILE A 95 10.35 23.18 -7.15
C ILE A 95 10.98 23.47 -5.79
N GLN A 96 12.07 22.77 -5.44
CA GLN A 96 12.74 23.07 -4.18
C GLN A 96 13.29 24.49 -4.14
N ASN A 97 13.51 25.12 -5.29
CA ASN A 97 13.92 26.53 -5.31
C ASN A 97 12.87 27.42 -4.68
N PHE A 98 11.61 27.01 -4.71
CA PHE A 98 10.51 27.82 -4.20
C PHE A 98 9.99 27.35 -2.85
N ASP A 99 10.15 26.07 -2.54
CA ASP A 99 9.77 25.54 -1.23
C ASP A 99 10.83 24.51 -0.82
N PRO A 100 11.73 24.88 0.10
CA PRO A 100 12.81 23.96 0.50
C PRO A 100 12.31 22.69 1.17
N ARG A 101 11.04 22.62 1.58
CA ARG A 101 10.53 21.38 2.14
C ARG A 101 10.55 20.23 1.13
N PHE A 102 10.68 20.55 -0.17
CA PHE A 102 10.75 19.53 -1.20
C PHE A 102 12.19 19.25 -1.62
N LYS A 103 13.16 19.76 -0.86
CA LYS A 103 14.53 19.29 -0.98
C LYS A 103 14.63 17.89 -0.40
N SER A 104 15.55 17.08 -0.93
CA SER A 104 15.87 15.78 -0.35
C SER A 104 14.64 14.86 -0.26
N MET A 105 14.03 14.60 -1.42
CA MET A 105 12.94 13.65 -1.48
C MET A 105 13.48 12.23 -1.43
N LYS A 106 12.66 11.31 -0.92
CA LYS A 106 12.95 9.89 -0.95
C LYS A 106 11.97 9.16 -1.87
N VAL A 107 12.33 7.93 -2.22
CA VAL A 107 11.59 7.09 -3.15
C VAL A 107 11.38 5.74 -2.49
N ILE A 108 10.13 5.27 -2.44
CA ILE A 108 9.81 3.97 -1.86
C ILE A 108 9.40 3.04 -2.99
N ASP A 109 9.67 1.74 -2.82
CA ASP A 109 9.18 0.76 -3.79
C ASP A 109 8.31 -0.29 -3.11
N GLN A 110 7.74 -1.17 -3.93
CA GLN A 110 6.82 -2.21 -3.48
C GLN A 110 7.49 -3.30 -2.66
N HIS A 111 8.82 -3.30 -2.58
CA HIS A 111 9.57 -4.25 -1.76
C HIS A 111 10.10 -3.62 -0.48
N ALA A 112 9.48 -2.53 -0.02
CA ALA A 112 9.79 -1.82 1.22
C ALA A 112 11.11 -1.05 1.18
N HIS A 113 11.78 -0.96 0.03
CA HIS A 113 13.08 -0.31 -0.05
C HIS A 113 12.89 1.20 -0.24
N ILE A 114 13.61 2.00 0.54
CA ILE A 114 13.56 3.45 0.43
C ILE A 114 14.97 3.97 0.15
N GLU A 115 15.08 4.95 -0.75
CA GLU A 115 16.37 5.53 -1.11
C GLU A 115 16.14 6.98 -1.52
N PRO A 116 17.20 7.80 -1.53
CA PRO A 116 17.03 9.19 -1.97
C PRO A 116 16.70 9.28 -3.45
N ALA A 117 15.90 10.28 -3.80
CA ALA A 117 15.62 10.55 -5.20
C ALA A 117 16.89 10.94 -5.93
N THR A 118 17.03 10.47 -7.16
CA THR A 118 18.22 10.75 -7.94
C THR A 118 18.06 11.94 -8.86
N ALA A 119 16.90 12.60 -8.84
CA ALA A 119 16.64 13.80 -9.62
C ALA A 119 15.70 14.72 -8.86
N LEU A 120 15.87 16.02 -9.07
CA LEU A 120 15.00 17.03 -8.49
C LEU A 120 13.66 17.09 -9.23
N ILE A 121 12.59 17.31 -8.47
CA ILE A 121 11.27 17.54 -9.08
C ILE A 121 11.25 18.92 -9.71
N THR A 122 10.77 19.00 -10.96
CA THR A 122 10.64 20.25 -11.70
C THR A 122 9.16 20.62 -11.90
N ILE A 123 8.95 21.87 -12.30
CA ILE A 123 7.63 22.32 -12.72
C ILE A 123 7.06 21.37 -13.79
N GLU A 124 7.88 21.03 -14.78
CA GLU A 124 7.41 20.11 -15.82
C GLU A 124 6.96 18.78 -15.23
N HIS A 125 7.74 18.22 -14.29
CA HIS A 125 7.32 16.96 -13.67
C HIS A 125 5.94 17.08 -13.05
N LEU A 126 5.65 18.21 -12.39
CA LEU A 126 4.33 18.39 -11.78
C LEU A 126 3.25 18.41 -12.84
N LEU A 127 3.47 19.14 -13.94
CA LEU A 127 2.45 19.26 -14.98
C LEU A 127 2.22 17.96 -15.72
N THR A 128 3.23 17.08 -15.78
CA THR A 128 3.10 15.83 -16.52
C THR A 128 2.81 14.64 -15.63
N HIS A 129 2.66 14.84 -14.31
CA HIS A 129 2.49 13.75 -13.35
C HIS A 129 3.64 12.74 -13.44
N GLN A 130 4.85 13.24 -13.68
CA GLN A 130 6.07 12.43 -13.68
C GLN A 130 6.97 12.76 -12.49
N ALA A 131 6.41 13.40 -11.47
CA ALA A 131 7.20 13.77 -10.29
C ALA A 131 7.38 12.62 -9.31
N GLY A 132 6.52 11.60 -9.37
CA GLY A 132 6.59 10.49 -8.44
C GLY A 132 5.59 10.55 -7.31
N PHE A 133 4.77 11.60 -7.24
CA PHE A 133 3.69 11.66 -6.27
C PHE A 133 2.62 10.63 -6.61
N SER A 134 1.71 10.40 -5.65
CA SER A 134 0.61 9.47 -5.89
C SER A 134 -0.71 10.11 -5.45
N TYR A 135 -1.64 9.32 -4.93
CA TYR A 135 -2.96 9.80 -4.54
C TYR A 135 -3.49 8.93 -3.41
N ASP A 136 -4.22 9.55 -2.50
CA ASP A 136 -4.83 8.83 -1.37
C ASP A 136 -5.59 7.59 -1.84
N TRP A 137 -6.29 7.70 -2.96
CA TRP A 137 -7.17 6.65 -3.46
C TRP A 137 -6.48 5.67 -4.41
N SER A 138 -5.15 5.74 -4.53
CA SER A 138 -4.46 4.89 -5.48
C SER A 138 -4.42 3.46 -4.96
N LEU A 139 -5.01 2.53 -5.72
CA LEU A 139 -5.12 1.13 -5.32
C LEU A 139 -3.81 0.41 -5.55
N GLY A 140 -3.34 -0.32 -4.54
CA GLY A 140 -2.09 -1.08 -4.70
C GLY A 140 -0.84 -0.25 -4.60
N CYS A 141 -0.95 1.06 -4.27
CA CYS A 141 0.18 1.98 -4.28
C CYS A 141 1.08 1.75 -3.07
N PRO A 142 2.41 1.76 -3.26
CA PRO A 142 3.33 1.64 -2.10
C PRO A 142 3.28 2.81 -1.11
N ILE A 143 2.62 3.93 -1.42
CA ILE A 143 2.62 5.06 -0.47
C ILE A 143 1.23 5.57 -0.13
N SER A 144 0.19 5.17 -0.88
CA SER A 144 -1.12 5.79 -0.67
C SER A 144 -1.63 5.58 0.76
N ALA A 145 -1.27 4.46 1.41
CA ALA A 145 -1.64 4.27 2.81
C ALA A 145 -1.16 5.43 3.67
N HIS A 146 0.04 5.95 3.40
CA HIS A 146 0.55 7.07 4.19
C HIS A 146 -0.17 8.37 3.83
N TYR A 147 -0.61 8.54 2.57
CA TYR A 147 -1.47 9.68 2.23
C TYR A 147 -2.77 9.64 3.04
N ARG A 148 -3.41 8.47 3.10
CA ARG A 148 -4.67 8.36 3.82
C ARG A 148 -4.50 8.63 5.30
N ASP A 149 -3.42 8.11 5.88
CA ASP A 149 -3.11 8.39 7.28
C ASP A 149 -2.93 9.89 7.50
N ALA A 150 -2.29 10.57 6.54
CA ALA A 150 -2.10 12.00 6.58
C ALA A 150 -3.37 12.79 6.28
N GLN A 151 -4.42 12.13 5.77
CA GLN A 151 -5.69 12.78 5.44
C GLN A 151 -5.49 13.90 4.41
N LEU A 152 -4.63 13.66 3.42
CA LEU A 152 -4.35 14.69 2.43
C LEU A 152 -5.62 15.15 1.71
N ILE A 153 -6.42 14.20 1.21
CA ILE A 153 -7.65 14.57 0.51
C ILE A 153 -8.80 14.76 1.51
N GLU A 154 -8.85 13.91 2.53
CA GLU A 154 -9.97 13.94 3.49
C GLU A 154 -10.14 15.31 4.13
N ASP A 155 -9.03 15.93 4.53
CA ASP A 155 -9.05 17.13 5.39
C ASP A 155 -9.08 18.39 4.52
N GLY A 156 -10.27 18.68 3.99
CA GLY A 156 -10.39 19.83 3.12
C GLY A 156 -10.20 21.17 3.82
N GLY A 157 -10.49 21.21 5.13
CA GLY A 157 -10.33 22.43 5.91
C GLY A 157 -8.89 22.84 6.16
N ARG A 158 -7.94 21.93 5.93
CA ARG A 158 -6.53 22.27 6.12
C ARG A 158 -6.04 23.17 4.99
N ASP A 159 -5.31 24.23 5.35
CA ASP A 159 -4.80 25.14 4.34
C ASP A 159 -3.84 24.43 3.40
N LEU A 160 -3.92 24.79 2.12
CA LEU A 160 -3.05 24.20 1.08
C LEU A 160 -1.59 24.20 1.52
N THR A 161 -1.10 25.34 2.05
CA THR A 161 0.30 25.44 2.49
C THR A 161 0.65 24.39 3.54
N ASP A 162 -0.25 24.14 4.49
CA ASP A 162 0.00 23.17 5.55
C ASP A 162 -0.10 21.74 5.03
N MET A 163 -1.07 21.46 4.18
CA MET A 163 -1.19 20.10 3.64
C MET A 163 0.06 19.74 2.86
N MET A 164 0.64 20.71 2.15
CA MET A 164 1.84 20.46 1.37
C MET A 164 3.03 20.15 2.28
N GLY A 165 3.11 20.80 3.44
CA GLY A 165 4.14 20.46 4.41
C GLY A 165 4.09 19.00 4.83
N VAL A 166 2.87 18.49 5.07
CA VAL A 166 2.73 17.08 5.43
C VAL A 166 3.11 16.18 4.25
N LEU A 167 2.63 16.51 3.05
CA LEU A 167 2.93 15.70 1.87
C LEU A 167 4.42 15.65 1.61
N ALA A 168 5.11 16.78 1.76
CA ALA A 168 6.53 16.86 1.41
C ALA A 168 7.39 15.89 2.20
N GLU A 169 6.95 15.47 3.39
CA GLU A 169 7.72 14.53 4.20
C GLU A 169 7.55 13.09 3.74
N LEU A 170 6.66 12.81 2.79
CA LEU A 170 6.46 11.43 2.40
C LEU A 170 7.32 11.08 1.19
N PRO A 171 7.69 9.82 1.01
CA PRO A 171 8.46 9.42 -0.16
C PRO A 171 7.59 9.37 -1.41
N LEU A 172 8.25 9.57 -2.56
CA LEU A 172 7.69 9.36 -3.88
C LEU A 172 7.65 7.86 -4.19
N VAL A 173 6.97 7.50 -5.29
CA VAL A 173 6.93 6.09 -5.70
C VAL A 173 7.75 5.81 -6.95
N PHE A 174 8.44 6.80 -7.50
CA PHE A 174 9.51 6.55 -8.46
C PHE A 174 10.38 7.79 -8.54
N HIS A 175 11.54 7.66 -9.19
CA HIS A 175 12.44 8.80 -9.29
C HIS A 175 11.89 9.83 -10.26
N PRO A 176 11.89 11.11 -9.92
CA PRO A 176 11.25 12.12 -10.77
C PRO A 176 11.73 12.05 -12.21
N GLY A 177 10.77 12.10 -13.15
CA GLY A 177 11.05 12.08 -14.56
C GLY A 177 11.08 10.70 -15.19
N THR A 178 11.08 9.63 -14.40
CA THR A 178 11.31 8.30 -14.96
C THR A 178 10.04 7.51 -15.26
N GLN A 179 8.88 7.92 -14.73
CA GLN A 179 7.62 7.22 -14.95
C GLN A 179 6.48 8.23 -14.94
N TRP A 180 5.26 7.73 -15.22
CA TRP A 180 4.03 8.51 -15.16
C TRP A 180 3.06 7.87 -14.17
N LYS A 181 2.52 8.67 -13.25
CA LYS A 181 1.43 8.21 -12.40
C LYS A 181 0.56 9.40 -12.05
N TYR A 182 -0.72 9.34 -12.45
CA TYR A 182 -1.66 10.41 -12.16
C TYR A 182 -1.76 10.65 -10.65
N SER A 183 -1.68 11.91 -10.22
CA SER A 183 -1.22 12.16 -8.85
C SER A 183 -1.75 13.49 -8.30
N ILE A 184 -1.42 13.71 -7.02
CA ILE A 184 -1.59 14.96 -6.29
C ILE A 184 -0.65 16.08 -6.77
N SER A 185 0.11 15.85 -7.84
CA SER A 185 1.13 16.83 -8.23
C SER A 185 0.55 18.16 -8.71
N THR A 186 -0.70 18.20 -9.19
CA THR A 186 -1.28 19.49 -9.56
C THR A 186 -1.53 20.34 -8.31
N ASP A 187 -1.79 19.69 -7.18
CA ASP A 187 -1.88 20.42 -5.91
C ASP A 187 -0.52 20.96 -5.51
N VAL A 188 0.55 20.19 -5.69
CA VAL A 188 1.88 20.73 -5.45
C VAL A 188 2.11 21.94 -6.34
N LEU A 189 1.68 21.86 -7.59
CA LEU A 189 1.90 22.97 -8.52
C LEU A 189 1.20 24.22 -8.04
N ALA A 190 -0.07 24.09 -7.62
CA ALA A 190 -0.79 25.25 -7.09
C ALA A 190 -0.01 25.87 -5.93
N HIS A 191 0.50 25.03 -5.03
CA HIS A 191 1.28 25.52 -3.91
C HIS A 191 2.57 26.21 -4.37
N ILE A 192 3.29 25.60 -5.31
CA ILE A 192 4.53 26.19 -5.80
C ILE A 192 4.27 27.49 -6.53
N ILE A 193 3.14 27.58 -7.23
CA ILE A 193 2.73 28.86 -7.80
C ILE A 193 2.63 29.91 -6.70
N GLU A 194 2.05 29.55 -5.56
CA GLU A 194 1.94 30.51 -4.47
C GLU A 194 3.32 30.89 -3.94
N CYS A 195 4.21 29.90 -3.78
CA CYS A 195 5.56 30.16 -3.30
C CYS A 195 6.31 31.07 -4.27
N ALA A 196 6.15 30.82 -5.57
CA ALA A 196 6.92 31.56 -6.56
C ALA A 196 6.45 32.99 -6.73
N THR A 197 5.15 33.25 -6.52
CA THR A 197 4.61 34.59 -6.77
C THR A 197 4.40 35.40 -5.50
N GLY A 198 4.27 34.75 -4.34
CA GLY A 198 3.82 35.45 -3.16
C GLY A 198 2.32 35.73 -3.13
N GLU A 199 1.56 35.21 -4.09
CA GLU A 199 0.12 35.43 -4.13
C GLU A 199 -0.61 34.11 -3.97
N ARG A 200 -1.91 34.20 -3.71
CA ARG A 200 -2.74 33.01 -3.54
C ARG A 200 -3.22 32.51 -4.89
N VAL A 201 -3.26 31.18 -5.05
CA VAL A 201 -3.62 30.60 -6.35
C VAL A 201 -5.05 30.98 -6.73
N ASP A 202 -5.96 31.12 -5.75
CA ASP A 202 -7.33 31.46 -6.12
C ASP A 202 -7.43 32.91 -6.59
N ASP A 203 -6.61 33.81 -6.04
CA ASP A 203 -6.57 35.18 -6.56
C ASP A 203 -5.96 35.24 -7.95
N LEU A 204 -4.90 34.45 -8.20
CA LEU A 204 -4.28 34.47 -9.51
C LEU A 204 -5.22 33.94 -10.58
N LEU A 205 -5.95 32.87 -10.25
CA LEU A 205 -6.94 32.32 -11.16
C LEU A 205 -8.02 33.36 -11.47
N GLN A 206 -8.50 34.04 -10.42
CA GLN A 206 -9.52 35.07 -10.60
C GLN A 206 -9.05 36.15 -11.56
N ARG A 207 -7.85 36.69 -11.29
CA ARG A 207 -7.35 37.85 -12.04
C ARG A 207 -6.96 37.47 -13.47
N LEU A 208 -6.29 36.33 -13.64
CA LEU A 208 -5.67 36.01 -14.91
C LEU A 208 -6.56 35.17 -15.82
N ILE A 209 -7.51 34.42 -15.28
CA ILE A 209 -8.31 33.52 -16.11
C ILE A 209 -9.81 33.84 -16.01
N PHE A 210 -10.38 33.76 -14.80
CA PHE A 210 -11.84 33.81 -14.68
C PHE A 210 -12.39 35.18 -15.08
N ASP A 211 -11.81 36.25 -14.54
CA ASP A 211 -12.32 37.59 -14.89
C ASP A 211 -12.20 37.88 -16.38
N PRO A 212 -11.04 37.67 -17.04
CA PRO A 212 -10.98 37.98 -18.47
C PRO A 212 -11.90 37.13 -19.33
N LEU A 213 -12.28 35.94 -18.86
CA LEU A 213 -13.17 35.07 -19.61
C LEU A 213 -14.61 35.17 -19.12
N ASP A 214 -14.89 36.05 -18.17
CA ASP A 214 -16.23 36.26 -17.62
C ASP A 214 -16.80 34.98 -17.02
N MET A 215 -15.93 34.19 -16.38
CA MET A 215 -16.37 32.99 -15.67
C MET A 215 -16.74 33.40 -14.24
N GLN A 216 -17.91 34.03 -14.11
CA GLN A 216 -18.36 34.65 -12.87
C GLN A 216 -18.78 33.65 -11.81
N ASP A 217 -19.04 32.40 -12.17
CA ASP A 217 -19.51 31.41 -11.20
C ASP A 217 -18.45 30.39 -10.84
N THR A 218 -17.20 30.62 -11.21
CA THR A 218 -16.16 29.62 -11.03
C THR A 218 -15.25 30.03 -9.87
N GLY A 219 -15.04 29.11 -8.93
CA GLY A 219 -14.18 29.39 -7.80
C GLY A 219 -14.24 28.25 -6.81
N PHE A 220 -13.42 28.38 -5.75
CA PHE A 220 -13.35 27.34 -4.72
C PHE A 220 -14.43 27.45 -3.66
N SER A 221 -15.28 28.46 -3.71
CA SER A 221 -16.45 28.54 -2.85
C SER A 221 -17.66 28.95 -3.67
N LEU A 222 -18.85 28.70 -3.13
CA LEU A 222 -20.07 29.03 -3.85
C LEU A 222 -20.23 30.55 -3.94
N PRO A 223 -20.74 31.07 -5.06
CA PRO A 223 -21.14 32.48 -5.10
C PRO A 223 -22.25 32.76 -4.10
N LEU A 224 -22.54 34.05 -3.91
CA LEU A 224 -23.52 34.48 -2.92
C LEU A 224 -24.87 33.80 -3.11
N ASP A 225 -25.37 33.73 -4.34
CA ASP A 225 -26.64 33.09 -4.64
C ASP A 225 -26.49 31.63 -5.04
N GLY A 226 -25.40 30.98 -4.65
CA GLY A 226 -25.02 29.71 -5.23
C GLY A 226 -25.62 28.47 -4.58
N ALA A 227 -26.03 28.58 -3.32
CA ALA A 227 -26.53 27.39 -2.63
C ALA A 227 -27.72 26.78 -3.35
N SER A 228 -28.65 27.62 -3.80
CA SER A 228 -29.83 27.09 -4.48
C SER A 228 -29.52 26.52 -5.86
N ARG A 229 -28.32 26.79 -6.40
CA ARG A 229 -27.98 26.35 -7.75
C ARG A 229 -27.06 25.14 -7.77
N LEU A 230 -26.60 24.70 -6.61
CA LEU A 230 -25.62 23.61 -6.51
C LEU A 230 -26.31 22.29 -6.80
N MET A 231 -25.88 21.60 -7.85
CA MET A 231 -26.44 20.29 -8.15
C MET A 231 -26.11 19.29 -7.04
N GLU A 232 -27.04 18.39 -6.78
CA GLU A 232 -26.77 17.34 -5.79
C GLU A 232 -25.81 16.32 -6.38
N VAL A 233 -24.94 15.78 -5.54
CA VAL A 233 -23.94 14.79 -5.98
C VAL A 233 -24.28 13.43 -5.40
N TYR A 234 -24.17 12.40 -6.25
CA TYR A 234 -24.52 11.03 -5.93
C TYR A 234 -23.31 10.13 -6.10
N GLY A 235 -23.47 8.88 -5.68
CA GLY A 235 -22.48 7.85 -5.92
C GLY A 235 -21.73 7.47 -4.66
N MET A 236 -21.02 6.34 -4.76
CA MET A 236 -20.33 5.79 -3.62
C MET A 236 -18.81 5.71 -3.76
N ARG A 237 -18.21 6.21 -4.84
CA ARG A 237 -16.75 6.26 -4.91
C ARG A 237 -16.17 7.19 -3.85
N SER A 238 -15.10 6.74 -3.20
CA SER A 238 -14.40 7.52 -2.20
C SER A 238 -13.02 7.90 -2.72
N LEU A 239 -12.67 9.17 -2.60
CA LEU A 239 -11.34 9.63 -2.98
C LEU A 239 -10.34 9.59 -1.82
N HIS A 240 -10.76 9.14 -0.63
CA HIS A 240 -9.87 9.11 0.51
C HIS A 240 -9.93 7.83 1.32
N GLY A 241 -10.96 7.00 1.18
CA GLY A 241 -11.03 5.76 1.92
C GLY A 241 -10.09 4.69 1.38
N LEU A 242 -10.04 3.57 2.10
CA LEU A 242 -9.34 2.39 1.65
C LEU A 242 -9.72 2.09 0.20
N PRO A 243 -8.77 2.06 -0.74
CA PRO A 243 -9.13 1.85 -2.16
C PRO A 243 -9.92 0.56 -2.38
N ALA A 244 -11.00 0.66 -3.15
CA ALA A 244 -11.88 -0.47 -3.37
C ALA A 244 -11.25 -1.51 -4.29
N LEU A 245 -11.48 -2.79 -3.97
CA LEU A 245 -10.96 -3.89 -4.77
C LEU A 245 -11.82 -4.17 -5.99
N LYS A 246 -13.08 -3.75 -5.98
CA LYS A 246 -14.01 -3.79 -7.10
C LYS A 246 -14.72 -2.45 -7.15
N PRO A 247 -15.06 -1.98 -8.35
CA PRO A 247 -15.72 -0.66 -8.45
C PRO A 247 -16.96 -0.61 -7.59
N ALA A 248 -17.14 0.52 -6.91
CA ALA A 248 -18.31 0.71 -6.07
C ALA A 248 -19.57 0.58 -6.92
N PRO A 249 -20.63 -0.04 -6.40
CA PRO A 249 -21.86 -0.17 -7.18
C PRO A 249 -22.43 1.19 -7.57
N HIS A 250 -23.08 1.22 -8.73
CA HIS A 250 -23.59 2.47 -9.32
C HIS A 250 -25.00 2.69 -8.79
N VAL A 251 -25.10 3.36 -7.64
CA VAL A 251 -26.36 3.61 -6.96
C VAL A 251 -26.59 5.10 -6.88
N LEU A 252 -27.74 5.56 -7.37
CA LEU A 252 -28.11 6.98 -7.31
C LEU A 252 -28.55 7.32 -5.89
N VAL A 253 -27.56 7.42 -5.01
CA VAL A 253 -27.75 7.76 -3.60
C VAL A 253 -26.83 8.93 -3.30
N PRO A 254 -27.27 9.96 -2.56
CA PRO A 254 -26.43 11.14 -2.36
C PRO A 254 -25.09 10.77 -1.74
N ALA A 255 -24.03 11.45 -2.21
CA ALA A 255 -22.68 11.17 -1.74
C ALA A 255 -22.34 11.99 -0.51
N ASP A 256 -21.64 11.38 0.43
CA ASP A 256 -21.16 12.05 1.64
C ASP A 256 -19.74 12.53 1.40
N LEU A 257 -19.56 13.85 1.28
CA LEU A 257 -18.25 14.41 0.98
C LEU A 257 -17.43 14.71 2.24
N GLY A 258 -17.98 14.44 3.43
CA GLY A 258 -17.24 14.75 4.64
C GLY A 258 -16.88 16.22 4.67
N SER A 259 -15.63 16.50 5.07
CA SER A 259 -15.14 17.87 5.01
C SER A 259 -14.13 18.07 3.89
N SER A 260 -14.17 17.21 2.86
CA SER A 260 -13.22 17.26 1.76
C SER A 260 -13.47 18.40 0.77
N HIS A 261 -14.69 18.95 0.72
CA HIS A 261 -15.08 19.82 -0.39
C HIS A 261 -16.03 20.90 0.13
N PRO A 262 -15.54 21.79 1.00
CA PRO A 262 -16.44 22.78 1.61
C PRO A 262 -17.02 23.75 0.59
N THR A 263 -18.24 24.21 0.88
CA THR A 263 -18.95 25.15 0.03
C THR A 263 -18.62 26.61 0.31
N ASP A 264 -18.22 26.96 1.53
CA ASP A 264 -18.06 28.37 1.89
C ASP A 264 -16.85 28.59 2.77
N ASP A 265 -15.74 27.94 2.44
CA ASP A 265 -14.48 28.16 3.14
C ASP A 265 -13.67 29.16 2.34
N PRO A 266 -13.49 30.39 2.81
CA PRO A 266 -12.78 31.40 2.01
C PRO A 266 -11.29 31.10 1.80
N ASP A 267 -10.71 30.16 2.54
CA ASP A 267 -9.31 29.79 2.35
C ASP A 267 -9.12 28.45 1.64
N PHE A 268 -10.20 27.71 1.38
CA PHE A 268 -10.09 26.46 0.63
C PHE A 268 -9.60 26.73 -0.78
N ARG A 269 -8.47 26.12 -1.12
CA ARG A 269 -7.95 26.20 -2.49
C ARG A 269 -7.07 24.98 -2.71
N ARG A 270 -7.10 24.44 -3.93
CA ARG A 270 -6.37 23.22 -4.30
C ARG A 270 -5.93 23.32 -5.77
N GLY A 271 -5.08 22.38 -6.18
CA GLY A 271 -4.67 22.34 -7.57
C GLY A 271 -5.37 21.26 -8.37
N GLY A 272 -5.70 20.14 -7.71
CA GLY A 272 -6.17 18.96 -8.42
C GLY A 272 -7.68 18.73 -8.40
N HIS A 273 -8.42 19.54 -7.64
CA HIS A 273 -9.86 19.44 -7.47
C HIS A 273 -10.30 20.67 -6.69
N GLY A 274 -11.61 20.80 -6.47
CA GLY A 274 -12.14 21.78 -5.55
C GLY A 274 -12.89 22.94 -6.18
N LEU A 275 -12.66 23.24 -7.46
CA LEU A 275 -13.43 24.31 -8.08
C LEU A 275 -14.90 23.93 -8.23
N TYR A 276 -15.76 24.92 -8.03
CA TYR A 276 -17.14 24.92 -8.50
C TYR A 276 -17.17 25.69 -9.82
N SER A 277 -18.04 25.26 -10.72
CA SER A 277 -18.19 25.96 -11.99
C SER A 277 -19.55 25.64 -12.60
N THR A 278 -19.80 26.19 -13.78
CA THR A 278 -21.03 25.98 -14.51
C THR A 278 -20.70 25.55 -15.92
N LEU A 279 -21.69 24.98 -16.61
CA LEU A 279 -21.50 24.60 -18.00
C LEU A 279 -21.02 25.79 -18.82
N ASP A 280 -21.69 26.93 -18.67
CA ASP A 280 -21.33 28.12 -19.45
C ASP A 280 -19.92 28.60 -19.13
N ASP A 281 -19.55 28.61 -17.85
CA ASP A 281 -18.20 29.03 -17.48
C ASP A 281 -17.15 28.11 -18.08
N TYR A 282 -17.33 26.79 -17.93
CA TYR A 282 -16.29 25.90 -18.42
C TYR A 282 -16.20 25.95 -19.95
N MET A 283 -17.31 26.21 -20.64
CA MET A 283 -17.24 26.32 -22.10
C MET A 283 -16.45 27.54 -22.54
N ALA A 284 -16.52 28.63 -21.77
CA ALA A 284 -15.67 29.78 -22.04
C ALA A 284 -14.20 29.40 -21.95
N PHE A 285 -13.83 28.64 -20.91
CA PHE A 285 -12.45 28.18 -20.79
C PHE A 285 -12.07 27.26 -21.95
N ALA A 286 -12.92 26.27 -22.26
CA ALA A 286 -12.60 25.33 -23.33
C ALA A 286 -12.46 26.04 -24.67
N ASN A 287 -13.35 27.01 -24.96
CA ASN A 287 -13.26 27.72 -26.24
C ASN A 287 -11.98 28.51 -26.33
N MET A 288 -11.55 29.12 -25.23
CA MET A 288 -10.30 29.87 -25.24
C MET A 288 -9.13 28.98 -25.62
N LEU A 289 -9.16 27.71 -25.23
CA LEU A 289 -8.07 26.78 -25.51
C LEU A 289 -7.88 26.51 -27.00
N LEU A 290 -8.88 26.83 -27.83
CA LEU A 290 -8.70 26.71 -29.28
C LEU A 290 -7.71 27.73 -29.82
N SER A 291 -7.50 28.84 -29.10
CA SER A 291 -6.69 29.94 -29.61
C SER A 291 -5.78 30.58 -28.58
N GLY A 292 -6.01 30.39 -27.29
CA GLY A 292 -5.31 31.16 -26.27
C GLY A 292 -5.79 32.58 -26.09
N GLN A 293 -6.89 32.96 -26.73
CA GLN A 293 -7.45 34.31 -26.66
C GLN A 293 -8.84 34.31 -26.04
N THR A 294 -9.20 35.44 -25.42
CA THR A 294 -10.58 35.69 -25.03
C THR A 294 -11.42 35.99 -26.28
N PRO A 295 -12.75 35.90 -26.19
CA PRO A 295 -13.57 36.23 -27.37
C PRO A 295 -13.30 37.63 -27.90
N GLU A 296 -12.97 38.58 -27.01
CA GLU A 296 -12.64 39.94 -27.43
C GLU A 296 -11.32 39.99 -28.20
N GLY A 297 -10.39 39.09 -27.90
CA GLY A 297 -9.09 39.09 -28.52
C GLY A 297 -7.92 39.39 -27.59
N GLU A 298 -8.15 39.49 -26.28
CA GLU A 298 -7.02 39.53 -25.35
C GLU A 298 -6.32 38.17 -25.36
N THR A 299 -5.00 38.19 -25.41
CA THR A 299 -4.21 36.97 -25.39
C THR A 299 -4.00 36.54 -23.93
N LEU A 300 -4.54 35.39 -23.56
CA LEU A 300 -4.18 34.81 -22.27
C LEU A 300 -2.88 34.00 -22.38
N LEU A 301 -2.59 33.44 -23.54
CA LEU A 301 -1.36 32.68 -23.73
C LEU A 301 -1.00 32.73 -25.19
N SER A 302 0.26 33.09 -25.49
CA SER A 302 0.71 33.21 -26.87
C SER A 302 0.52 31.89 -27.61
N PRO A 303 0.38 31.95 -28.94
CA PRO A 303 0.28 30.70 -29.71
C PRO A 303 1.46 29.76 -29.50
N ALA A 304 2.68 30.29 -29.37
CA ALA A 304 3.84 29.43 -29.21
C ALA A 304 3.79 28.66 -27.89
N VAL A 305 3.38 29.31 -26.80
CA VAL A 305 3.36 28.60 -25.53
C VAL A 305 2.14 27.68 -25.44
N LEU A 306 1.04 28.06 -26.08
CA LEU A 306 -0.11 27.16 -26.17
C LEU A 306 0.28 25.88 -26.91
N LYS A 307 0.98 26.02 -28.04
CA LYS A 307 1.52 24.85 -28.75
C LYS A 307 2.44 24.04 -27.85
N LEU A 308 3.31 24.72 -27.08
CA LEU A 308 4.17 24.02 -26.15
C LEU A 308 3.35 23.22 -25.14
N ALA A 309 2.24 23.78 -24.67
CA ALA A 309 1.42 23.12 -23.66
C ALA A 309 0.57 21.98 -24.24
N LEU A 310 0.22 22.04 -25.52
CA LEU A 310 -0.68 21.01 -26.06
C LEU A 310 0.07 19.85 -26.72
N ALA A 311 1.36 20.03 -27.04
CA ALA A 311 2.08 19.01 -27.78
C ALA A 311 2.21 17.74 -26.94
N PRO A 312 2.07 16.56 -27.56
CA PRO A 312 2.21 15.31 -26.80
C PRO A 312 3.57 15.25 -26.13
N ARG A 313 3.55 15.03 -24.82
CA ARG A 313 4.74 15.14 -23.98
C ARG A 313 5.07 13.83 -23.27
N VAL A 314 4.07 13.07 -22.83
CA VAL A 314 4.28 11.75 -22.23
C VAL A 314 3.65 10.71 -23.15
N HIS A 315 4.45 9.74 -23.58
CA HIS A 315 4.00 8.64 -24.42
C HIS A 315 4.03 7.34 -23.63
N PHE A 316 3.13 6.44 -23.99
CA PHE A 316 2.87 5.25 -23.19
C PHE A 316 3.12 3.98 -23.98
N GLY A 317 3.51 2.93 -23.25
CA GLY A 317 3.75 1.62 -23.83
C GLY A 317 2.49 0.91 -24.27
N ALA A 318 2.59 -0.41 -24.45
CA ALA A 318 1.45 -1.18 -24.96
C ALA A 318 0.30 -1.19 -23.97
N ARG A 319 0.60 -1.12 -22.67
CA ARG A 319 -0.44 -0.98 -21.65
C ARG A 319 -1.18 0.36 -21.78
N GLY A 320 -0.52 1.36 -22.36
CA GLY A 320 -1.16 2.65 -22.56
C GLY A 320 -1.25 3.48 -21.29
N MET A 321 -1.88 4.64 -21.42
CA MET A 321 -2.17 5.49 -20.28
C MET A 321 -3.26 4.85 -19.43
N ARG A 322 -3.02 4.71 -18.12
CA ARG A 322 -4.01 4.11 -17.22
C ARG A 322 -4.03 4.85 -15.89
N ILE A 323 -5.21 4.89 -15.27
CA ILE A 323 -5.40 5.47 -13.94
C ILE A 323 -6.17 4.45 -13.10
N ASN A 324 -5.56 3.97 -12.01
CA ASN A 324 -6.10 2.83 -11.27
C ASN A 324 -6.48 1.70 -12.23
N ASP A 325 -5.62 1.48 -13.23
CA ASP A 325 -5.74 0.43 -14.23
C ASP A 325 -6.88 0.66 -15.22
N GLU A 326 -7.58 1.82 -15.17
CA GLU A 326 -8.59 2.14 -16.17
C GLU A 326 -7.93 2.79 -17.38
N PRO A 327 -8.26 2.38 -18.60
CA PRO A 327 -7.48 2.83 -19.76
C PRO A 327 -7.98 4.13 -20.37
N PHE A 328 -7.04 4.84 -20.99
CA PHE A 328 -7.33 6.03 -21.79
C PHE A 328 -6.72 5.73 -23.16
N ALA A 329 -7.46 4.97 -23.96
CA ALA A 329 -6.91 4.29 -25.12
C ALA A 329 -6.57 5.29 -26.23
N GLY A 330 -5.34 5.25 -26.73
CA GLY A 330 -4.90 6.14 -27.78
C GLY A 330 -4.55 7.54 -27.33
N TYR A 331 -4.62 7.82 -26.04
CA TYR A 331 -4.29 9.13 -25.49
C TYR A 331 -2.85 9.17 -25.01
N SER A 332 -2.17 10.28 -25.29
CA SER A 332 -0.94 10.64 -24.62
C SER A 332 -1.25 11.77 -23.65
N TRP A 333 -0.23 12.27 -22.97
CA TRP A 333 -0.39 13.33 -21.98
C TRP A 333 0.38 14.58 -22.41
N ASN A 334 -0.25 15.75 -22.33
CA ASN A 334 0.46 17.00 -22.53
C ASN A 334 0.44 17.80 -21.21
N LEU A 335 0.88 19.05 -21.26
CA LEU A 335 0.99 19.81 -20.01
C LEU A 335 -0.36 20.13 -19.36
N LEU A 336 -1.48 19.94 -20.07
CA LEU A 336 -2.80 20.28 -19.54
C LEU A 336 -3.70 19.07 -19.32
N GLY A 337 -3.35 17.89 -19.81
CA GLY A 337 -4.22 16.73 -19.69
C GLY A 337 -4.02 15.77 -20.86
N ARG A 338 -5.10 15.08 -21.25
CA ARG A 338 -4.98 14.05 -22.28
C ARG A 338 -4.92 14.68 -23.66
N VAL A 339 -4.31 13.95 -24.60
CA VAL A 339 -4.35 14.38 -26.01
C VAL A 339 -4.35 13.14 -26.90
N MET A 340 -5.28 13.10 -27.84
CA MET A 340 -5.46 11.95 -28.71
C MET A 340 -4.32 11.89 -29.72
N THR A 341 -3.51 10.83 -29.67
CA THR A 341 -2.38 10.68 -30.57
C THR A 341 -2.49 9.50 -31.51
N ASP A 342 -3.55 8.68 -31.42
CA ASP A 342 -3.69 7.56 -32.37
C ASP A 342 -5.16 7.17 -32.42
N VAL A 343 -5.88 7.70 -33.42
CA VAL A 343 -7.29 7.36 -33.59
C VAL A 343 -7.47 5.87 -33.79
N GLY A 344 -6.48 5.20 -34.39
CA GLY A 344 -6.53 3.75 -34.56
C GLY A 344 -6.41 2.96 -33.26
N ALA A 345 -6.03 3.61 -32.17
CA ALA A 345 -6.06 2.98 -30.86
C ALA A 345 -7.20 3.49 -29.98
N ALA A 346 -7.95 4.48 -30.45
CA ALA A 346 -8.99 5.10 -29.63
C ALA A 346 -10.14 4.13 -29.40
N ALA A 347 -10.73 4.21 -28.21
CA ALA A 347 -11.87 3.38 -27.84
C ALA A 347 -13.21 4.07 -28.07
N TYR A 348 -13.21 5.31 -28.53
CA TYR A 348 -14.44 6.02 -28.85
C TYR A 348 -14.11 7.18 -29.79
N ALA A 349 -15.12 7.63 -30.51
CA ALA A 349 -14.91 8.55 -31.63
C ALA A 349 -14.22 9.82 -31.17
N THR A 350 -13.28 10.27 -31.99
CA THR A 350 -12.39 11.39 -31.67
C THR A 350 -11.64 11.73 -32.95
N HIS A 351 -10.82 12.78 -32.89
CA HIS A 351 -9.90 13.09 -33.97
C HIS A 351 -8.51 13.32 -33.39
N LEU A 352 -7.50 13.10 -34.23
CA LEU A 352 -6.12 13.40 -33.86
C LEU A 352 -6.03 14.80 -33.26
N GLY A 353 -5.42 14.89 -32.08
CA GLY A 353 -5.22 16.17 -31.43
C GLY A 353 -6.33 16.59 -30.48
N GLU A 354 -7.47 15.88 -30.44
CA GLU A 354 -8.50 16.15 -29.46
C GLU A 354 -7.90 16.09 -28.05
N PHE A 355 -8.21 17.08 -27.21
CA PHE A 355 -7.60 17.14 -25.89
C PHE A 355 -8.62 17.60 -24.85
N GLY A 356 -8.28 17.38 -23.58
CA GLY A 356 -9.10 17.85 -22.48
C GLY A 356 -8.85 17.00 -21.24
N TRP A 357 -9.82 17.04 -20.33
CA TRP A 357 -9.76 16.17 -19.16
C TRP A 357 -11.18 15.99 -18.62
N SER A 358 -11.29 15.59 -17.36
CA SER A 358 -12.57 15.17 -16.79
C SER A 358 -12.41 15.16 -15.28
N GLY A 359 -13.53 14.90 -14.58
CA GLY A 359 -13.54 14.93 -13.13
C GLY A 359 -14.17 13.68 -12.53
N ALA A 360 -13.85 13.46 -11.25
CA ALA A 360 -14.30 12.26 -10.56
C ALA A 360 -15.81 12.16 -10.46
N ALA A 361 -16.53 13.29 -10.44
CA ALA A 361 -17.99 13.26 -10.39
C ALA A 361 -18.62 13.24 -11.79
N ALA A 362 -17.86 12.78 -12.78
CA ALA A 362 -18.30 12.47 -14.15
C ALA A 362 -18.46 13.68 -15.05
N THR A 363 -18.00 14.87 -14.64
CA THR A 363 -17.88 15.98 -15.57
C THR A 363 -16.79 15.68 -16.59
N TYR A 364 -16.94 16.22 -17.81
CA TYR A 364 -16.06 15.85 -18.91
C TYR A 364 -16.08 16.97 -19.93
N PHE A 365 -14.91 17.27 -20.52
CA PHE A 365 -14.88 18.24 -21.61
C PHE A 365 -13.83 17.82 -22.62
N TRP A 366 -13.97 18.36 -23.83
CA TRP A 366 -12.96 18.13 -24.87
C TRP A 366 -12.86 19.35 -25.75
N VAL A 367 -11.74 19.42 -26.45
CA VAL A 367 -11.45 20.43 -27.45
C VAL A 367 -10.93 19.68 -28.67
N ASP A 368 -11.52 19.95 -29.84
CA ASP A 368 -11.18 19.24 -31.07
C ASP A 368 -10.77 20.26 -32.11
N PRO A 369 -9.47 20.56 -32.22
CA PRO A 369 -9.05 21.62 -33.14
C PRO A 369 -9.31 21.29 -34.60
N THR A 370 -9.38 20.02 -34.99
CA THR A 370 -9.69 19.71 -36.38
C THR A 370 -11.12 20.11 -36.76
N LYS A 371 -12.01 20.24 -35.80
CA LYS A 371 -13.38 20.67 -36.07
C LYS A 371 -13.71 22.04 -35.47
N ASN A 372 -12.72 22.73 -34.91
CA ASN A 372 -12.96 23.98 -34.17
C ASN A 372 -14.08 23.80 -33.15
N MET A 373 -14.06 22.64 -32.49
CA MET A 373 -15.16 22.18 -31.67
C MET A 373 -14.72 22.08 -30.22
N THR A 374 -15.63 22.46 -29.32
CA THR A 374 -15.47 22.18 -27.90
C THR A 374 -16.76 21.55 -27.41
N GLY A 375 -16.65 20.77 -26.34
CA GLY A 375 -17.81 20.12 -25.77
C GLY A 375 -17.62 19.92 -24.28
N CYS A 376 -18.71 20.01 -23.53
CA CYS A 376 -18.66 19.79 -22.09
C CYS A 376 -19.95 19.13 -21.63
N VAL A 377 -19.82 18.08 -20.82
CA VAL A 377 -20.93 17.44 -20.12
C VAL A 377 -20.78 17.74 -18.64
N MET A 378 -21.84 18.24 -18.01
CA MET A 378 -21.88 18.45 -16.56
C MET A 378 -22.90 17.53 -15.92
N THR A 379 -22.49 16.82 -14.87
CA THR A 379 -23.36 15.98 -14.05
C THR A 379 -22.65 15.78 -12.72
N GLN A 380 -23.31 15.11 -11.76
CA GLN A 380 -22.69 14.86 -10.44
C GLN A 380 -22.89 13.41 -10.00
N PHE A 381 -21.92 12.56 -10.35
CA PHE A 381 -21.95 11.18 -9.88
C PHE A 381 -20.53 10.72 -9.63
N LEU A 382 -20.22 10.40 -8.37
CA LEU A 382 -18.90 9.93 -7.98
C LEU A 382 -18.85 8.40 -8.10
N GLY A 383 -18.06 7.91 -9.05
CA GLY A 383 -17.89 6.48 -9.22
C GLY A 383 -18.82 5.85 -10.24
N SER A 384 -19.13 6.58 -11.30
CA SER A 384 -19.96 6.02 -12.34
C SER A 384 -19.32 4.76 -12.91
N GLN A 385 -20.13 3.73 -13.11
CA GLN A 385 -19.72 2.61 -13.92
C GLN A 385 -20.03 2.82 -15.39
N HIS A 386 -20.55 3.99 -15.75
CA HIS A 386 -20.92 4.29 -17.12
C HIS A 386 -20.18 5.53 -17.58
N PRO A 387 -19.36 5.43 -18.64
CA PRO A 387 -18.51 6.56 -19.07
C PRO A 387 -19.30 7.59 -19.86
N ILE A 388 -20.13 8.36 -19.16
CA ILE A 388 -21.05 9.27 -19.85
C ILE A 388 -20.28 10.31 -20.66
N GLY A 389 -19.20 10.87 -20.10
CA GLY A 389 -18.43 11.86 -20.85
C GLY A 389 -17.96 11.34 -22.20
N SER A 390 -17.42 10.13 -22.23
CA SER A 390 -16.97 9.57 -23.50
C SER A 390 -18.15 9.27 -24.43
N ASP A 391 -19.28 8.81 -23.87
CA ASP A 391 -20.48 8.58 -24.69
C ASP A 391 -20.97 9.87 -25.33
N MET A 392 -20.94 10.98 -24.58
CA MET A 392 -21.40 12.24 -25.13
C MET A 392 -20.43 12.78 -26.18
N GLN A 393 -19.12 12.70 -25.92
CA GLN A 393 -18.16 13.09 -26.97
C GLN A 393 -18.43 12.29 -28.24
N ALA A 394 -18.57 10.97 -28.11
CA ALA A 394 -18.77 10.13 -29.30
C ALA A 394 -20.02 10.56 -30.05
N ALA A 395 -21.09 10.85 -29.32
CA ALA A 395 -22.32 11.33 -29.93
C ALA A 395 -22.09 12.62 -30.70
N ALA A 396 -21.41 13.59 -30.07
CA ALA A 396 -21.15 14.84 -30.76
C ALA A 396 -20.26 14.64 -31.98
N MET A 397 -19.23 13.80 -31.85
CA MET A 397 -18.38 13.48 -32.99
C MET A 397 -19.20 12.94 -34.15
N SER A 398 -20.14 12.05 -33.86
CA SER A 398 -20.98 11.45 -34.89
C SER A 398 -21.93 12.45 -35.53
N MET A 399 -22.20 13.57 -34.86
CA MET A 399 -23.16 14.56 -35.35
C MET A 399 -22.51 15.68 -36.15
N LEU A 400 -21.18 15.75 -36.17
CA LEU A 400 -20.49 16.84 -36.84
C LEU A 400 -19.77 16.32 -38.09
N GLY A 401 -18.74 17.03 -38.52
CA GLY A 401 -18.10 16.68 -39.80
C GLY A 401 -17.69 15.23 -40.07
N MET B 13 38.81 -18.01 24.34
CA MET B 13 38.75 -18.15 25.80
C MET B 13 37.87 -17.12 26.55
N PRO B 14 37.83 -15.85 26.13
CA PRO B 14 36.92 -14.92 26.80
C PRO B 14 35.47 -15.31 26.53
N ASP B 15 34.60 -15.01 27.50
CA ASP B 15 33.17 -15.31 27.39
C ASP B 15 32.53 -14.20 26.57
N LEU B 16 32.68 -14.30 25.24
CA LEU B 16 32.13 -13.29 24.35
C LEU B 16 30.63 -13.17 24.49
N LEU B 17 29.94 -14.29 24.75
CA LEU B 17 28.49 -14.27 24.89
C LEU B 17 28.07 -13.37 26.03
N THR B 18 28.69 -13.56 27.21
CA THR B 18 28.38 -12.71 28.35
C THR B 18 28.71 -11.25 28.05
N ASN B 19 29.83 -10.99 27.36
CA ASN B 19 30.19 -9.61 27.05
C ASN B 19 29.12 -8.95 26.18
N VAL B 20 28.62 -9.68 25.18
CA VAL B 20 27.59 -9.10 24.30
C VAL B 20 26.33 -8.78 25.09
N ALA B 21 25.83 -9.77 25.84
CA ALA B 21 24.57 -9.58 26.56
C ALA B 21 24.69 -8.49 27.62
N GLU B 22 25.78 -8.49 28.38
CA GLU B 22 25.94 -7.49 29.44
C GLU B 22 26.07 -6.09 28.86
N ASN B 23 26.78 -5.94 27.75
CA ASN B 23 26.83 -4.63 27.11
C ASN B 23 25.43 -4.18 26.69
N TYR B 24 24.62 -5.11 26.19
CA TYR B 24 23.26 -4.75 25.78
C TYR B 24 22.44 -4.31 26.98
N VAL B 25 22.55 -5.01 28.11
CA VAL B 25 21.84 -4.61 29.32
C VAL B 25 22.36 -3.28 29.83
N ASN B 26 23.69 -3.14 29.93
CA ASN B 26 24.27 -1.93 30.52
C ASN B 26 23.99 -0.69 29.68
N GLN B 27 23.84 -0.84 28.37
CA GLN B 27 23.49 0.29 27.52
C GLN B 27 21.99 0.52 27.43
N ASP B 28 21.19 -0.13 28.29
CA ASP B 28 19.75 0.05 28.35
C ASP B 28 19.08 -0.22 27.00
N LEU B 29 19.61 -1.20 26.27
CA LEU B 29 19.02 -1.60 25.00
C LEU B 29 18.05 -2.77 25.13
N PHE B 30 18.28 -3.66 26.10
CA PHE B 30 17.40 -4.79 26.38
C PHE B 30 17.24 -4.93 27.89
N ALA B 31 16.05 -5.37 28.32
CA ALA B 31 15.79 -5.50 29.76
C ALA B 31 16.45 -6.75 30.33
N GLY B 32 16.25 -7.89 29.69
CA GLY B 32 16.80 -9.15 30.18
C GLY B 32 17.02 -10.11 29.03
N ILE B 33 18.08 -10.91 29.12
CA ILE B 33 18.51 -11.80 28.04
C ILE B 33 18.89 -13.14 28.67
N GLU B 34 18.40 -14.22 28.09
CA GLU B 34 18.87 -15.57 28.41
C GLU B 34 19.45 -16.21 27.16
N TRP B 35 20.46 -17.05 27.34
CA TRP B 35 21.01 -17.78 26.21
C TRP B 35 21.52 -19.13 26.66
N ARG B 36 21.51 -20.07 25.73
CA ARG B 36 22.07 -21.39 25.94
C ARG B 36 22.52 -21.93 24.59
N ILE B 37 23.70 -22.52 24.59
CA ILE B 37 24.30 -23.16 23.42
C ILE B 37 24.59 -24.60 23.82
N ASP B 38 24.04 -25.55 23.06
CA ASP B 38 24.28 -26.97 23.28
C ASP B 38 25.18 -27.53 22.19
N GLN B 39 26.00 -28.49 22.58
CA GLN B 39 26.74 -29.31 21.62
C GLN B 39 26.51 -30.77 21.98
N ASP B 40 26.22 -31.59 20.98
CA ASP B 40 25.89 -33.00 21.18
C ASP B 40 24.79 -33.16 22.22
N GLY B 41 23.84 -32.21 22.22
CA GLY B 41 22.68 -32.29 23.07
C GLY B 41 22.91 -31.91 24.53
N LYS B 42 24.07 -31.36 24.86
CA LYS B 42 24.38 -30.95 26.23
C LYS B 42 24.85 -29.50 26.25
N PRO B 43 24.43 -28.71 27.24
CA PRO B 43 24.86 -27.31 27.31
C PRO B 43 26.38 -27.19 27.39
N ILE B 44 26.93 -26.23 26.64
CA ILE B 44 28.34 -25.89 26.75
C ILE B 44 28.50 -24.43 27.16
N PHE B 45 27.57 -23.56 26.73
CA PHE B 45 27.55 -22.16 27.17
C PHE B 45 26.13 -21.81 27.57
N GLN B 46 25.99 -21.05 28.65
CA GLN B 46 24.68 -20.52 28.98
C GLN B 46 24.84 -19.36 29.94
N GLY B 47 23.81 -18.52 30.00
CA GLY B 47 23.85 -17.44 30.95
C GLY B 47 22.60 -16.63 30.86
N CYS B 48 22.58 -15.56 31.66
CA CYS B 48 21.50 -14.59 31.61
C CYS B 48 22.05 -13.23 32.02
N ALA B 49 21.33 -12.18 31.66
CA ALA B 49 21.76 -10.83 32.01
C ALA B 49 20.54 -9.95 32.12
N GLY B 50 20.59 -9.00 33.03
CA GLY B 50 19.48 -8.07 33.19
C GLY B 50 18.37 -8.65 34.04
N VAL B 51 17.15 -8.19 33.76
CA VAL B 51 16.01 -8.41 34.65
C VAL B 51 14.79 -8.81 33.83
N LYS B 52 13.77 -9.31 34.52
CA LYS B 52 12.48 -9.60 33.89
C LYS B 52 11.80 -8.33 33.41
N ASP B 53 11.90 -7.25 34.18
CA ASP B 53 11.25 -5.99 33.87
C ASP B 53 12.03 -4.88 34.57
N ILE B 54 12.22 -3.77 33.88
CA ILE B 54 13.00 -2.68 34.45
C ILE B 54 12.19 -1.88 35.44
N GLU B 55 10.87 -2.02 35.43
CA GLU B 55 10.03 -1.26 36.34
C GLU B 55 10.26 -1.69 37.78
N THR B 56 10.19 -2.99 38.05
CA THR B 56 10.44 -3.51 39.40
C THR B 56 11.81 -4.15 39.56
N ARG B 57 12.57 -4.31 38.47
CA ARG B 57 13.91 -4.89 38.50
CA ARG B 57 13.91 -4.89 38.50
C ARG B 57 13.90 -6.28 39.12
N THR B 58 12.85 -7.04 38.85
CA THR B 58 12.80 -8.44 39.23
C THR B 58 13.81 -9.23 38.40
N PHE B 59 14.55 -10.13 39.06
CA PHE B 59 15.47 -10.99 38.33
C PHE B 59 14.70 -11.88 37.35
N ILE B 60 15.37 -12.30 36.28
CA ILE B 60 14.79 -13.26 35.35
C ILE B 60 14.45 -14.52 36.13
N PRO B 61 13.20 -14.93 36.19
CA PRO B 61 12.84 -16.10 37.01
C PRO B 61 13.29 -17.40 36.35
N LYS B 62 13.24 -18.46 37.16
CA LYS B 62 13.41 -19.80 36.64
C LYS B 62 12.31 -20.11 35.62
N ASN B 63 12.69 -20.73 34.51
CA ASN B 63 11.76 -21.07 33.43
C ASN B 63 10.96 -19.83 32.99
N ALA B 64 11.69 -18.75 32.72
CA ALA B 64 11.06 -17.53 32.24
C ALA B 64 10.38 -17.78 30.89
N ILE B 65 9.26 -17.08 30.68
CA ILE B 65 8.39 -17.31 29.52
C ILE B 65 8.53 -16.14 28.55
N TYR B 66 8.64 -16.47 27.26
CA TYR B 66 8.83 -15.47 26.21
C TYR B 66 7.78 -15.63 25.12
N ARG B 67 7.35 -14.48 24.57
CA ARG B 67 6.60 -14.46 23.32
C ARG B 67 7.60 -14.67 22.19
N ILE B 68 7.55 -15.84 21.53
CA ILE B 68 8.56 -16.18 20.53
C ILE B 68 8.16 -15.74 19.12
N TYR B 69 6.96 -15.17 18.96
CA TYR B 69 6.49 -14.69 17.66
C TYR B 69 6.84 -15.66 16.53
N SER B 70 7.61 -15.23 15.54
CA SER B 70 7.85 -16.04 14.33
C SER B 70 8.67 -17.30 14.60
N MET B 71 9.26 -17.46 15.79
CA MET B 71 9.79 -18.78 16.11
C MET B 71 8.68 -19.81 16.32
N THR B 72 7.41 -19.38 16.24
CA THR B 72 6.30 -20.31 16.04
C THR B 72 6.38 -21.03 14.70
N LYS B 73 6.91 -20.35 13.66
CA LYS B 73 6.84 -20.91 12.30
C LYS B 73 7.62 -22.20 12.12
N PRO B 74 8.85 -22.34 12.60
CA PRO B 74 9.54 -23.64 12.43
C PRO B 74 8.80 -24.77 13.12
N ILE B 75 8.14 -24.50 14.24
CA ILE B 75 7.38 -25.54 14.94
C ILE B 75 6.16 -25.96 14.12
N VAL B 76 5.39 -25.00 13.64
CA VAL B 76 4.21 -25.35 12.83
C VAL B 76 4.64 -25.99 11.52
N SER B 77 5.76 -25.53 10.94
CA SER B 77 6.28 -26.15 9.73
C SER B 77 6.72 -27.58 9.99
N PHE B 78 7.40 -27.83 11.11
CA PHE B 78 7.79 -29.20 11.42
C PHE B 78 6.56 -30.08 11.59
N LEU B 79 5.49 -29.54 12.21
CA LEU B 79 4.24 -30.29 12.30
C LEU B 79 3.72 -30.65 10.92
N ALA B 80 3.77 -29.70 9.97
CA ALA B 80 3.32 -30.01 8.62
C ALA B 80 4.13 -31.15 7.99
N MET B 81 5.46 -31.17 8.22
CA MET B 81 6.27 -32.24 7.66
C MET B 81 5.88 -33.58 8.26
N MET B 82 5.56 -33.59 9.56
CA MET B 82 5.07 -34.81 10.20
C MET B 82 3.78 -35.30 9.57
N LEU B 83 2.85 -34.38 9.29
CA LEU B 83 1.60 -34.80 8.66
C LEU B 83 1.82 -35.25 7.21
N ILE B 84 2.78 -34.64 6.51
CA ILE B 84 3.15 -35.13 5.17
C ILE B 84 3.66 -36.56 5.26
N GLU B 85 4.58 -36.81 6.19
CA GLU B 85 5.11 -38.16 6.39
C GLU B 85 3.98 -39.15 6.68
N ARG B 86 2.98 -38.74 7.45
CA ARG B 86 1.85 -39.59 7.80
C ARG B 86 0.81 -39.69 6.69
N GLY B 87 1.01 -39.02 5.57
CA GLY B 87 0.10 -39.14 4.44
C GLY B 87 -1.14 -38.27 4.52
N VAL B 88 -1.19 -37.33 5.46
CA VAL B 88 -2.36 -36.46 5.58
C VAL B 88 -2.51 -35.58 4.35
N PHE B 89 -1.42 -34.99 3.88
CA PHE B 89 -1.36 -34.31 2.60
C PHE B 89 0.07 -34.39 2.08
N ARG B 90 0.33 -33.74 0.96
CA ARG B 90 1.67 -33.72 0.40
C ARG B 90 2.02 -32.31 -0.03
N LEU B 91 3.30 -32.09 -0.35
CA LEU B 91 3.79 -30.75 -0.67
C LEU B 91 3.02 -30.14 -1.83
N SER B 92 2.63 -30.96 -2.80
CA SER B 92 1.94 -30.48 -3.99
C SER B 92 0.43 -30.38 -3.81
N SER B 93 -0.11 -30.70 -2.63
CA SER B 93 -1.56 -30.66 -2.40
C SER B 93 -2.06 -29.23 -2.55
N PRO B 94 -3.03 -28.97 -3.43
CA PRO B 94 -3.67 -27.64 -3.45
C PRO B 94 -4.46 -27.40 -2.18
N ILE B 95 -4.22 -26.25 -1.53
CA ILE B 95 -4.89 -25.97 -0.27
C ILE B 95 -6.40 -25.83 -0.45
N GLN B 96 -6.85 -25.50 -1.66
CA GLN B 96 -8.29 -25.35 -1.91
C GLN B 96 -9.02 -26.68 -1.76
N ASN B 97 -8.31 -27.81 -1.88
CA ASN B 97 -8.93 -29.11 -1.63
C ASN B 97 -9.42 -29.21 -0.18
N PHE B 98 -8.79 -28.50 0.74
CA PHE B 98 -9.17 -28.58 2.15
C PHE B 98 -10.00 -27.41 2.61
N ASP B 99 -9.87 -26.24 2.00
CA ASP B 99 -10.72 -25.10 2.30
C ASP B 99 -11.07 -24.42 0.98
N PRO B 100 -12.28 -24.65 0.46
CA PRO B 100 -12.64 -24.08 -0.84
C PRO B 100 -12.74 -22.57 -0.84
N ARG B 101 -12.72 -21.92 0.32
CA ARG B 101 -12.65 -20.46 0.32
C ARG B 101 -11.39 -19.95 -0.35
N PHE B 102 -10.39 -20.81 -0.53
CA PHE B 102 -9.15 -20.44 -1.22
C PHE B 102 -9.16 -20.89 -2.69
N LYS B 103 -10.33 -21.29 -3.20
CA LYS B 103 -10.50 -21.41 -4.64
C LYS B 103 -10.63 -20.02 -5.25
N SER B 104 -10.21 -19.88 -6.50
CA SER B 104 -10.39 -18.62 -7.24
C SER B 104 -9.73 -17.44 -6.51
N MET B 105 -8.42 -17.54 -6.30
CA MET B 105 -7.67 -16.40 -5.78
C MET B 105 -7.45 -15.37 -6.88
N LYS B 106 -7.30 -14.11 -6.47
CA LYS B 106 -6.91 -13.01 -7.34
C LYS B 106 -5.53 -12.51 -6.97
N VAL B 107 -4.92 -11.75 -7.90
CA VAL B 107 -3.59 -11.18 -7.75
C VAL B 107 -3.67 -9.69 -8.07
N ILE B 108 -3.15 -8.85 -7.15
CA ILE B 108 -3.12 -7.40 -7.33
C ILE B 108 -1.67 -6.98 -7.55
N ASP B 109 -1.47 -5.94 -8.36
CA ASP B 109 -0.13 -5.38 -8.54
C ASP B 109 -0.10 -3.91 -8.12
N GLN B 110 1.10 -3.34 -8.13
CA GLN B 110 1.36 -1.97 -7.68
C GLN B 110 0.78 -0.91 -8.61
N HIS B 111 0.25 -1.31 -9.77
CA HIS B 111 -0.42 -0.42 -10.70
C HIS B 111 -1.93 -0.58 -10.69
N ALA B 112 -2.49 -1.09 -9.58
CA ALA B 112 -3.93 -1.25 -9.36
C ALA B 112 -4.57 -2.32 -10.23
N HIS B 113 -3.80 -3.14 -10.94
CA HIS B 113 -4.36 -4.16 -11.81
C HIS B 113 -4.61 -5.44 -11.01
N ILE B 114 -5.80 -6.02 -11.18
CA ILE B 114 -6.19 -7.26 -10.52
C ILE B 114 -6.58 -8.28 -11.58
N GLU B 115 -6.11 -9.52 -11.41
CA GLU B 115 -6.41 -10.60 -12.34
C GLU B 115 -6.48 -11.90 -11.57
N PRO B 116 -7.10 -12.95 -12.13
CA PRO B 116 -7.13 -14.24 -11.45
C PRO B 116 -5.74 -14.85 -11.35
N ALA B 117 -5.51 -15.57 -10.26
CA ALA B 117 -4.27 -16.32 -10.09
C ALA B 117 -4.15 -17.39 -11.18
N THR B 118 -2.96 -17.55 -11.71
CA THR B 118 -2.75 -18.52 -12.77
C THR B 118 -2.31 -19.88 -12.27
N ALA B 119 -2.18 -20.06 -10.94
CA ALA B 119 -1.78 -21.32 -10.35
C ALA B 119 -2.43 -21.46 -8.98
N LEU B 120 -2.64 -22.72 -8.56
CA LEU B 120 -3.23 -22.99 -7.26
C LEU B 120 -2.17 -22.91 -6.15
N ILE B 121 -2.58 -22.40 -5.00
CA ILE B 121 -1.70 -22.40 -3.83
C ILE B 121 -1.56 -23.81 -3.31
N THR B 122 -0.33 -24.26 -3.10
CA THR B 122 -0.05 -25.58 -2.55
C THR B 122 0.49 -25.47 -1.12
N ILE B 123 0.51 -26.63 -0.43
CA ILE B 123 1.16 -26.73 0.87
C ILE B 123 2.61 -26.26 0.80
N GLU B 124 3.33 -26.69 -0.24
CA GLU B 124 4.71 -26.24 -0.41
C GLU B 124 4.81 -24.72 -0.51
N HIS B 125 3.89 -24.09 -1.27
CA HIS B 125 3.89 -22.63 -1.36
C HIS B 125 3.75 -21.99 0.02
N LEU B 126 2.86 -22.52 0.86
CA LEU B 126 2.72 -21.97 2.21
C LEU B 126 4.01 -22.06 2.99
N LEU B 127 4.69 -23.23 2.92
CA LEU B 127 5.89 -23.46 3.69
C LEU B 127 7.07 -22.62 3.21
N THR B 128 7.09 -22.26 1.92
CA THR B 128 8.20 -21.49 1.36
C THR B 128 7.89 -20.01 1.24
N HIS B 129 6.71 -19.56 1.69
CA HIS B 129 6.27 -18.16 1.52
C HIS B 129 6.29 -17.74 0.04
N GLN B 130 5.95 -18.68 -0.85
CA GLN B 130 5.81 -18.39 -2.27
C GLN B 130 4.36 -18.45 -2.71
N ALA B 131 3.43 -18.35 -1.76
CA ALA B 131 2.01 -18.42 -2.08
C ALA B 131 1.46 -17.10 -2.58
N GLY B 132 2.13 -15.98 -2.32
CA GLY B 132 1.61 -14.69 -2.72
C GLY B 132 0.92 -13.90 -1.62
N PHE B 133 0.82 -14.48 -0.42
CA PHE B 133 0.30 -13.74 0.72
C PHE B 133 1.32 -12.67 1.15
N SER B 134 0.84 -11.74 1.96
CA SER B 134 1.73 -10.71 2.51
C SER B 134 1.53 -10.64 4.01
N TYR B 135 1.64 -9.45 4.59
CA TYR B 135 1.56 -9.22 6.03
C TYR B 135 1.03 -7.83 6.29
N ASP B 136 0.29 -7.67 7.40
CA ASP B 136 -0.29 -6.38 7.77
C ASP B 136 0.78 -5.29 7.85
N TRP B 137 1.98 -5.65 8.31
CA TRP B 137 3.04 -4.69 8.53
C TRP B 137 3.97 -4.51 7.32
N SER B 138 3.63 -5.10 6.18
CA SER B 138 4.52 -5.04 5.02
C SER B 138 4.53 -3.63 4.45
N LEU B 139 5.70 -2.98 4.49
CA LEU B 139 5.84 -1.61 4.02
C LEU B 139 5.85 -1.55 2.49
N GLY B 140 5.06 -0.64 1.92
CA GLY B 140 5.01 -0.47 0.48
C GLY B 140 4.25 -1.54 -0.27
N CYS B 141 3.56 -2.44 0.45
CA CYS B 141 2.92 -3.61 -0.15
C CYS B 141 1.59 -3.22 -0.81
N PRO B 142 1.32 -3.75 -2.01
CA PRO B 142 0.05 -3.42 -2.69
C PRO B 142 -1.20 -3.92 -1.98
N ILE B 143 -1.10 -4.84 -1.02
CA ILE B 143 -2.30 -5.35 -0.34
C ILE B 143 -2.29 -5.13 1.17
N SER B 144 -1.15 -4.78 1.79
CA SER B 144 -1.11 -4.75 3.25
C SER B 144 -2.13 -3.78 3.86
N ALA B 145 -2.51 -2.72 3.14
CA ALA B 145 -3.56 -1.84 3.64
C ALA B 145 -4.87 -2.58 3.87
N HIS B 146 -5.20 -3.55 3.01
CA HIS B 146 -6.43 -4.31 3.22
C HIS B 146 -6.29 -5.31 4.34
N TYR B 147 -5.08 -5.84 4.58
CA TYR B 147 -4.86 -6.66 5.77
C TYR B 147 -5.13 -5.84 7.03
N ARG B 148 -4.57 -4.64 7.10
CA ARG B 148 -4.75 -3.80 8.28
C ARG B 148 -6.22 -3.45 8.48
N ASP B 149 -6.92 -3.11 7.39
CA ASP B 149 -8.34 -2.79 7.49
C ASP B 149 -9.13 -3.98 8.02
N ALA B 150 -8.75 -5.19 7.59
CA ALA B 150 -9.35 -6.43 8.06
C ALA B 150 -8.91 -6.83 9.46
N GLN B 151 -7.88 -6.17 10.01
CA GLN B 151 -7.40 -6.43 11.38
C GLN B 151 -6.92 -7.86 11.57
N LEU B 152 -6.28 -8.41 10.54
CA LEU B 152 -5.85 -9.82 10.61
C LEU B 152 -4.91 -10.06 11.79
N ILE B 153 -3.86 -9.26 11.93
CA ILE B 153 -2.96 -9.45 13.07
C ILE B 153 -3.49 -8.75 14.32
N GLU B 154 -4.12 -7.57 14.18
CA GLU B 154 -4.58 -6.82 15.35
C GLU B 154 -5.56 -7.63 16.20
N ASP B 155 -6.50 -8.33 15.56
CA ASP B 155 -7.64 -8.95 16.24
C ASP B 155 -7.26 -10.37 16.67
N GLY B 156 -6.52 -10.45 17.78
CA GLY B 156 -6.07 -11.74 18.27
C GLY B 156 -7.19 -12.61 18.83
N GLY B 157 -8.28 -11.98 19.29
CA GLY B 157 -9.40 -12.72 19.84
C GLY B 157 -10.24 -13.43 18.80
N ARG B 158 -10.08 -13.08 17.54
CA ARG B 158 -10.82 -13.76 16.48
C ARG B 158 -10.27 -15.15 16.24
N ASP B 159 -11.19 -16.12 16.09
CA ASP B 159 -10.78 -17.50 15.87
C ASP B 159 -10.02 -17.63 14.55
N LEU B 160 -8.97 -18.48 14.57
CA LEU B 160 -8.17 -18.76 13.39
C LEU B 160 -9.04 -19.04 12.16
N THR B 161 -10.07 -19.88 12.34
CA THR B 161 -10.93 -20.25 11.23
C THR B 161 -11.63 -19.04 10.61
N ASP B 162 -12.09 -18.10 11.44
CA ASP B 162 -12.76 -16.92 10.94
C ASP B 162 -11.77 -15.92 10.33
N MET B 163 -10.60 -15.75 10.94
CA MET B 163 -9.58 -14.87 10.36
C MET B 163 -9.24 -15.31 8.94
N MET B 164 -9.14 -16.63 8.72
CA MET B 164 -8.78 -17.13 7.40
C MET B 164 -9.87 -16.84 6.37
N GLY B 165 -11.14 -16.86 6.79
CA GLY B 165 -12.21 -16.54 5.85
C GLY B 165 -12.11 -15.11 5.34
N VAL B 166 -11.77 -14.18 6.24
CA VAL B 166 -11.55 -12.80 5.83
C VAL B 166 -10.35 -12.69 4.90
N LEU B 167 -9.24 -13.34 5.28
CA LEU B 167 -8.03 -13.29 4.47
C LEU B 167 -8.26 -13.86 3.08
N ALA B 168 -9.03 -14.95 3.00
CA ALA B 168 -9.19 -15.66 1.74
C ALA B 168 -9.85 -14.80 0.66
N GLU B 169 -10.60 -13.77 1.03
CA GLU B 169 -11.22 -12.93 0.02
C GLU B 169 -10.30 -11.82 -0.50
N LEU B 170 -9.09 -11.69 0.05
CA LEU B 170 -8.21 -10.64 -0.43
C LEU B 170 -7.31 -11.16 -1.55
N PRO B 171 -6.85 -10.29 -2.44
CA PRO B 171 -5.92 -10.73 -3.49
C PRO B 171 -4.54 -11.02 -2.93
N LEU B 172 -3.82 -11.88 -3.64
CA LEU B 172 -2.39 -12.11 -3.47
C LEU B 172 -1.61 -10.99 -4.15
N VAL B 173 -0.29 -10.92 -3.90
CA VAL B 173 0.55 -9.90 -4.53
C VAL B 173 1.47 -10.49 -5.59
N PHE B 174 1.38 -11.78 -5.87
CA PHE B 174 1.98 -12.37 -7.07
C PHE B 174 1.35 -13.73 -7.27
N HIS B 175 1.61 -14.31 -8.45
CA HIS B 175 1.01 -15.61 -8.76
C HIS B 175 1.70 -16.72 -7.98
N PRO B 176 0.94 -17.64 -7.38
CA PRO B 176 1.55 -18.67 -6.53
C PRO B 176 2.70 -19.39 -7.22
N GLY B 177 3.82 -19.49 -6.49
CA GLY B 177 4.99 -20.19 -6.98
C GLY B 177 6.03 -19.31 -7.64
N THR B 178 5.72 -18.05 -7.96
CA THR B 178 6.57 -17.29 -8.87
C THR B 178 7.52 -16.31 -8.17
N GLN B 179 7.31 -16.04 -6.89
CA GLN B 179 8.16 -15.11 -6.14
C GLN B 179 8.21 -15.57 -4.69
N TRP B 180 9.04 -14.89 -3.90
CA TRP B 180 9.13 -15.11 -2.46
C TRP B 180 8.75 -13.82 -1.75
N LYS B 181 7.87 -13.93 -0.75
CA LYS B 181 7.63 -12.81 0.17
C LYS B 181 7.20 -13.37 1.52
N TYR B 182 7.95 -13.04 2.55
CA TYR B 182 7.63 -13.45 3.91
C TYR B 182 6.24 -12.94 4.30
N SER B 183 5.43 -13.82 4.89
CA SER B 183 3.98 -13.64 4.83
C SER B 183 3.25 -14.33 5.97
N ILE B 184 1.94 -14.07 6.03
CA ILE B 184 0.95 -14.73 6.87
C ILE B 184 0.68 -16.17 6.44
N SER B 185 1.46 -16.70 5.50
CA SER B 185 1.14 -18.03 4.95
C SER B 185 1.33 -19.16 5.96
N THR B 186 2.14 -18.98 7.01
CA THR B 186 2.22 -20.04 8.01
C THR B 186 0.92 -20.14 8.81
N ASP B 187 0.22 -19.02 8.95
CA ASP B 187 -1.10 -19.05 9.57
C ASP B 187 -2.09 -19.80 8.70
N VAL B 188 -2.02 -19.58 7.37
CA VAL B 188 -2.85 -20.36 6.46
C VAL B 188 -2.52 -21.84 6.59
N LEU B 189 -1.23 -22.16 6.78
CA LEU B 189 -0.84 -23.55 6.94
C LEU B 189 -1.46 -24.17 8.18
N ALA B 190 -1.36 -23.48 9.32
CA ALA B 190 -2.01 -23.95 10.55
C ALA B 190 -3.50 -24.20 10.32
N HIS B 191 -4.16 -23.27 9.65
CA HIS B 191 -5.58 -23.43 9.33
C HIS B 191 -5.83 -24.66 8.44
N ILE B 192 -5.04 -24.80 7.37
CA ILE B 192 -5.21 -25.93 6.45
C ILE B 192 -4.95 -27.25 7.15
N ILE B 193 -3.97 -27.26 8.06
CA ILE B 193 -3.74 -28.43 8.90
C ILE B 193 -5.01 -28.81 9.66
N GLU B 194 -5.72 -27.81 10.21
CA GLU B 194 -6.95 -28.10 10.92
C GLU B 194 -8.02 -28.67 9.99
N CYS B 195 -8.12 -28.12 8.77
CA CYS B 195 -9.08 -28.63 7.79
C CYS B 195 -8.76 -30.05 7.37
N ALA B 196 -7.47 -30.34 7.18
CA ALA B 196 -7.08 -31.66 6.69
C ALA B 196 -7.25 -32.73 7.75
N THR B 197 -7.04 -32.40 9.02
CA THR B 197 -7.04 -33.40 10.08
C THR B 197 -8.35 -33.47 10.85
N GLY B 198 -9.17 -32.42 10.77
CA GLY B 198 -10.30 -32.35 11.68
C GLY B 198 -9.92 -32.09 13.11
N GLU B 199 -8.67 -31.69 13.37
CA GLU B 199 -8.21 -31.38 14.71
C GLU B 199 -7.70 -29.94 14.79
N ARG B 200 -7.56 -29.45 16.02
CA ARG B 200 -7.05 -28.11 16.25
C ARG B 200 -5.52 -28.13 16.25
N VAL B 201 -4.92 -27.03 15.77
CA VAL B 201 -3.47 -27.03 15.62
C VAL B 201 -2.77 -27.07 16.98
N ASP B 202 -3.35 -26.45 18.01
CA ASP B 202 -2.70 -26.50 19.32
C ASP B 202 -2.72 -27.92 19.91
N ASP B 203 -3.82 -28.65 19.73
CA ASP B 203 -3.87 -30.04 20.18
C ASP B 203 -2.87 -30.90 19.43
N LEU B 204 -2.78 -30.71 18.10
CA LEU B 204 -1.81 -31.47 17.31
C LEU B 204 -0.38 -31.18 17.77
N LEU B 205 -0.06 -29.90 17.97
CA LEU B 205 1.28 -29.55 18.44
C LEU B 205 1.56 -30.20 19.79
N GLN B 206 0.61 -30.11 20.72
CA GLN B 206 0.79 -30.71 22.04
C GLN B 206 1.11 -32.19 21.93
N ARG B 207 0.31 -32.93 21.18
CA ARG B 207 0.43 -34.39 21.15
C ARG B 207 1.64 -34.85 20.33
N LEU B 208 1.92 -34.16 19.22
CA LEU B 208 2.93 -34.66 18.30
C LEU B 208 4.33 -34.14 18.58
N ILE B 209 4.46 -32.98 19.21
CA ILE B 209 5.77 -32.35 19.39
C ILE B 209 6.07 -32.03 20.86
N PHE B 210 5.21 -31.24 21.51
CA PHE B 210 5.55 -30.73 22.84
C PHE B 210 5.64 -31.87 23.86
N ASP B 211 4.62 -32.72 23.93
CA ASP B 211 4.65 -33.82 24.89
C ASP B 211 5.83 -34.76 24.66
N PRO B 212 6.11 -35.23 23.43
CA PRO B 212 7.29 -36.10 23.26
C PRO B 212 8.60 -35.44 23.60
N LEU B 213 8.71 -34.12 23.46
CA LEU B 213 9.93 -33.39 23.73
C LEU B 213 9.94 -32.78 25.14
N ASP B 214 8.93 -33.07 25.95
CA ASP B 214 8.82 -32.55 27.32
C ASP B 214 8.82 -31.02 27.35
N MET B 215 8.25 -30.38 26.33
CA MET B 215 8.16 -28.91 26.31
C MET B 215 6.86 -28.51 27.00
N GLN B 216 6.87 -28.58 28.33
CA GLN B 216 5.64 -28.42 29.10
C GLN B 216 5.23 -26.96 29.28
N ASP B 217 6.12 -26.01 29.00
CA ASP B 217 5.79 -24.60 29.10
C ASP B 217 5.49 -23.93 27.76
N THR B 218 5.30 -24.70 26.69
CA THR B 218 5.11 -24.12 25.37
C THR B 218 3.66 -24.25 24.95
N GLY B 219 3.06 -23.14 24.54
CA GLY B 219 1.66 -23.16 24.11
C GLY B 219 1.20 -21.75 23.79
N PHE B 220 -0.05 -21.67 23.32
CA PHE B 220 -0.67 -20.39 22.95
C PHE B 220 -1.32 -19.66 24.11
N SER B 221 -1.34 -20.25 25.31
CA SER B 221 -1.77 -19.56 26.51
C SER B 221 -0.78 -19.86 27.64
N LEU B 222 -0.86 -19.07 28.71
CA LEU B 222 0.09 -19.26 29.81
C LEU B 222 -0.28 -20.49 30.63
N PRO B 223 0.70 -21.22 31.15
CA PRO B 223 0.40 -22.21 32.19
C PRO B 223 -0.18 -21.52 33.42
N LEU B 224 -0.80 -22.33 34.29
CA LEU B 224 -1.50 -21.76 35.45
C LEU B 224 -0.56 -20.94 36.34
N ASP B 225 0.69 -21.37 36.48
CA ASP B 225 1.68 -20.68 37.27
C ASP B 225 2.55 -19.74 36.43
N GLY B 226 2.06 -19.30 35.27
CA GLY B 226 2.92 -18.63 34.30
C GLY B 226 2.95 -17.12 34.38
N ALA B 227 1.95 -16.50 35.01
CA ALA B 227 1.87 -15.05 35.03
C ALA B 227 3.12 -14.44 35.65
N SER B 228 3.63 -15.05 36.72
CA SER B 228 4.82 -14.52 37.38
C SER B 228 6.09 -14.79 36.59
N ARG B 229 6.04 -15.65 35.58
CA ARG B 229 7.23 -16.01 34.82
C ARG B 229 7.32 -15.30 33.47
N LEU B 230 6.28 -14.55 33.08
CA LEU B 230 6.21 -13.96 31.76
C LEU B 230 7.10 -12.73 31.69
N MET B 231 8.05 -12.74 30.77
CA MET B 231 8.95 -11.60 30.65
C MET B 231 8.20 -10.39 30.09
N GLU B 232 8.55 -9.22 30.59
CA GLU B 232 7.97 -8.00 30.03
C GLU B 232 8.53 -7.75 28.63
N VAL B 233 7.70 -7.18 27.75
CA VAL B 233 8.09 -6.93 26.37
C VAL B 233 8.13 -5.42 26.16
N TYR B 234 9.19 -4.95 25.52
CA TYR B 234 9.47 -3.54 25.28
C TYR B 234 9.56 -3.30 23.78
N GLY B 235 9.58 -2.03 23.41
CA GLY B 235 9.84 -1.64 22.03
C GLY B 235 8.63 -0.99 21.38
N MET B 236 8.91 -0.30 20.28
CA MET B 236 7.91 0.52 19.60
C MET B 236 7.41 -0.07 18.29
N ARG B 237 7.97 -1.18 17.82
CA ARG B 237 7.54 -1.73 16.53
C ARG B 237 6.12 -2.29 16.63
N SER B 238 5.31 -1.98 15.62
CA SER B 238 3.96 -2.52 15.53
C SER B 238 3.87 -3.50 14.37
N LEU B 239 3.23 -4.63 14.63
CA LEU B 239 3.00 -5.62 13.60
C LEU B 239 1.64 -5.46 12.94
N HIS B 240 0.90 -4.40 13.25
CA HIS B 240 -0.38 -4.18 12.59
C HIS B 240 -0.68 -2.73 12.27
N GLY B 241 0.10 -1.76 12.76
CA GLY B 241 -0.16 -0.37 12.45
C GLY B 241 0.36 0.02 11.07
N LEU B 242 0.09 1.27 10.70
CA LEU B 242 0.64 1.81 9.47
C LEU B 242 2.15 1.57 9.42
N PRO B 243 2.67 0.89 8.39
CA PRO B 243 4.09 0.53 8.38
C PRO B 243 4.99 1.75 8.48
N ALA B 244 6.01 1.65 9.34
CA ALA B 244 6.87 2.79 9.61
C ALA B 244 7.81 3.05 8.44
N LEU B 245 7.98 4.34 8.11
CA LEU B 245 8.88 4.76 7.06
C LEU B 245 10.34 4.72 7.50
N LYS B 246 10.61 4.84 8.80
CA LYS B 246 11.94 4.70 9.39
C LYS B 246 11.80 3.85 10.62
N PRO B 247 12.82 3.07 10.98
CA PRO B 247 12.72 2.20 12.15
C PRO B 247 12.36 3.00 13.40
N ALA B 248 11.42 2.45 14.17
CA ALA B 248 11.01 3.07 15.41
C ALA B 248 12.24 3.23 16.33
N PRO B 249 12.28 4.29 17.13
CA PRO B 249 13.44 4.49 18.00
C PRO B 249 13.55 3.37 19.03
N HIS B 250 14.79 3.00 19.34
CA HIS B 250 15.06 1.88 20.24
C HIS B 250 15.05 2.38 21.68
N VAL B 251 13.89 2.38 22.31
CA VAL B 251 13.75 2.79 23.70
C VAL B 251 13.07 1.68 24.48
N LEU B 252 13.58 1.42 25.69
CA LEU B 252 13.05 0.38 26.56
C LEU B 252 11.79 0.91 27.24
N VAL B 253 10.70 0.94 26.50
CA VAL B 253 9.39 1.30 27.05
C VAL B 253 8.49 0.10 26.82
N PRO B 254 7.65 -0.30 27.79
CA PRO B 254 6.78 -1.46 27.58
C PRO B 254 5.94 -1.32 26.33
N ALA B 255 5.84 -2.41 25.58
CA ALA B 255 5.09 -2.42 24.33
C ALA B 255 3.62 -2.72 24.59
N ASP B 256 2.74 -2.03 23.87
CA ASP B 256 1.30 -2.25 23.96
C ASP B 256 0.89 -3.22 22.85
N LEU B 257 0.51 -4.43 23.25
CA LEU B 257 0.11 -5.48 22.32
C LEU B 257 -1.37 -5.44 21.96
N GLY B 258 -2.13 -4.53 22.56
CA GLY B 258 -3.56 -4.46 22.27
C GLY B 258 -4.21 -5.80 22.58
N SER B 259 -5.01 -6.29 21.64
CA SER B 259 -5.61 -7.61 21.78
C SER B 259 -4.95 -8.63 20.83
N SER B 260 -3.74 -8.35 20.37
CA SER B 260 -3.07 -9.19 19.38
C SER B 260 -2.51 -10.48 19.95
N HIS B 261 -2.29 -10.55 21.25
CA HIS B 261 -1.49 -11.64 21.79
C HIS B 261 -1.98 -12.04 23.18
N PRO B 262 -3.21 -12.54 23.33
CA PRO B 262 -3.76 -12.80 24.66
C PRO B 262 -2.93 -13.82 25.43
N THR B 263 -2.98 -13.70 26.76
CA THR B 263 -2.29 -14.63 27.64
C THR B 263 -3.15 -15.82 28.04
N ASP B 264 -4.47 -15.69 28.04
CA ASP B 264 -5.31 -16.72 28.64
C ASP B 264 -6.56 -16.94 27.82
N ASP B 265 -6.41 -16.96 26.49
CA ASP B 265 -7.53 -17.26 25.61
C ASP B 265 -7.41 -18.73 25.19
N PRO B 266 -8.28 -19.62 25.66
CA PRO B 266 -8.12 -21.05 25.34
C PRO B 266 -8.38 -21.41 23.89
N ASP B 267 -8.86 -20.47 23.06
CA ASP B 267 -9.04 -20.73 21.64
C ASP B 267 -8.03 -20.01 20.77
N PHE B 268 -7.18 -19.16 21.35
CA PHE B 268 -6.17 -18.47 20.57
C PHE B 268 -5.18 -19.48 19.97
N ARG B 269 -5.07 -19.49 18.65
CA ARG B 269 -4.08 -20.32 17.98
C ARG B 269 -3.76 -19.71 16.62
N ARG B 270 -2.49 -19.82 16.21
CA ARG B 270 -2.00 -19.20 14.98
C ARG B 270 -0.86 -20.05 14.44
N GLY B 271 -0.39 -19.72 13.24
CA GLY B 271 0.74 -20.44 12.66
C GLY B 271 2.01 -19.63 12.58
N GLY B 272 1.88 -18.31 12.46
CA GLY B 272 3.04 -17.45 12.27
C GLY B 272 3.56 -16.75 13.53
N HIS B 273 2.81 -16.85 14.62
CA HIS B 273 3.18 -16.23 15.89
C HIS B 273 2.21 -16.74 16.95
N GLY B 274 2.42 -16.29 18.20
CA GLY B 274 1.46 -16.51 19.26
C GLY B 274 1.88 -17.51 20.32
N LEU B 275 2.86 -18.38 20.06
CA LEU B 275 3.32 -19.31 21.07
C LEU B 275 4.09 -18.59 22.17
N TYR B 276 3.87 -19.04 23.41
CA TYR B 276 4.75 -18.76 24.53
C TYR B 276 5.70 -19.95 24.69
N SER B 277 6.93 -19.68 25.07
CA SER B 277 7.87 -20.77 25.31
C SER B 277 8.94 -20.31 26.30
N THR B 278 9.85 -21.22 26.62
CA THR B 278 10.99 -20.94 27.47
C THR B 278 12.27 -21.31 26.73
N LEU B 279 13.39 -20.81 27.25
CA LEU B 279 14.69 -21.15 26.68
C LEU B 279 14.89 -22.65 26.67
N ASP B 280 14.62 -23.31 27.79
CA ASP B 280 14.78 -24.75 27.89
C ASP B 280 13.89 -25.48 26.89
N ASP B 281 12.62 -25.09 26.78
CA ASP B 281 11.70 -25.74 25.85
C ASP B 281 12.17 -25.58 24.40
N TYR B 282 12.52 -24.35 24.01
CA TYR B 282 12.92 -24.18 22.62
C TYR B 282 14.21 -24.94 22.31
N MET B 283 15.12 -25.06 23.29
CA MET B 283 16.36 -25.79 23.04
C MET B 283 16.09 -27.28 22.82
N ALA B 284 15.09 -27.85 23.51
CA ALA B 284 14.69 -29.22 23.23
C ALA B 284 14.24 -29.37 21.78
N PHE B 285 13.44 -28.42 21.29
CA PHE B 285 13.01 -28.46 19.88
C PHE B 285 14.20 -28.32 18.94
N ALA B 286 15.07 -27.33 19.20
CA ALA B 286 16.24 -27.13 18.35
C ALA B 286 17.13 -28.37 18.32
N ASN B 287 17.39 -28.97 19.49
CA ASN B 287 18.24 -30.15 19.54
C ASN B 287 17.62 -31.30 18.74
N MET B 288 16.29 -31.43 18.80
CA MET B 288 15.62 -32.48 18.04
C MET B 288 15.89 -32.33 16.54
N LEU B 289 15.97 -31.08 16.06
CA LEU B 289 16.17 -30.81 14.64
C LEU B 289 17.52 -31.29 14.12
N LEU B 290 18.47 -31.63 14.99
CA LEU B 290 19.72 -32.22 14.54
C LEU B 290 19.55 -33.65 14.06
N SER B 291 18.47 -34.32 14.46
CA SER B 291 18.28 -35.75 14.18
C SER B 291 16.85 -36.12 13.82
N GLY B 292 15.84 -35.32 14.16
CA GLY B 292 14.47 -35.75 14.02
C GLY B 292 13.98 -36.69 15.11
N GLN B 293 14.74 -36.84 16.21
CA GLN B 293 14.42 -37.76 17.30
C GLN B 293 14.36 -37.05 18.64
N THR B 294 13.58 -37.60 19.57
CA THR B 294 13.66 -37.17 20.96
C THR B 294 14.99 -37.61 21.57
N PRO B 295 15.37 -37.06 22.74
CA PRO B 295 16.60 -37.52 23.38
C PRO B 295 16.60 -39.01 23.68
N GLU B 296 15.44 -39.59 23.94
CA GLU B 296 15.32 -41.02 24.19
C GLU B 296 15.41 -41.85 22.92
N GLY B 297 15.40 -41.23 21.74
CA GLY B 297 15.54 -41.95 20.49
C GLY B 297 14.25 -42.23 19.73
N GLU B 298 13.11 -41.75 20.21
CA GLU B 298 11.87 -41.89 19.47
C GLU B 298 11.87 -40.94 18.26
N THR B 299 11.49 -41.45 17.10
CA THR B 299 11.51 -40.68 15.87
C THR B 299 10.27 -39.81 15.77
N LEU B 300 10.46 -38.49 15.67
CA LEU B 300 9.35 -37.61 15.32
C LEU B 300 9.22 -37.43 13.82
N LEU B 301 10.35 -37.39 13.11
CA LEU B 301 10.35 -37.24 11.66
C LEU B 301 11.50 -38.06 11.11
N SER B 302 11.25 -38.86 10.07
CA SER B 302 12.28 -39.71 9.50
C SER B 302 13.46 -38.88 8.97
N PRO B 303 14.65 -39.49 8.91
CA PRO B 303 15.78 -38.76 8.32
C PRO B 303 15.51 -38.29 6.90
N ALA B 304 14.83 -39.10 6.09
CA ALA B 304 14.56 -38.70 4.70
C ALA B 304 13.70 -37.43 4.64
N VAL B 305 12.64 -37.37 5.45
CA VAL B 305 11.77 -36.19 5.36
C VAL B 305 12.42 -34.98 6.03
N LEU B 306 13.20 -35.18 7.09
CA LEU B 306 13.94 -34.07 7.68
C LEU B 306 14.90 -33.47 6.65
N LYS B 307 15.60 -34.32 5.90
CA LYS B 307 16.46 -33.85 4.84
C LYS B 307 15.66 -33.07 3.79
N LEU B 308 14.49 -33.58 3.41
CA LEU B 308 13.62 -32.87 2.48
C LEU B 308 13.25 -31.50 3.03
N ALA B 309 13.00 -31.41 4.35
CA ALA B 309 12.62 -30.15 4.97
C ALA B 309 13.78 -29.17 5.07
N LEU B 310 15.01 -29.66 5.21
CA LEU B 310 16.13 -28.76 5.45
C LEU B 310 16.88 -28.36 4.19
N ALA B 311 16.70 -29.09 3.09
CA ALA B 311 17.44 -28.80 1.87
C ALA B 311 17.06 -27.42 1.35
N PRO B 312 18.03 -26.63 0.86
CA PRO B 312 17.73 -25.30 0.33
C PRO B 312 16.71 -25.39 -0.80
N ARG B 313 15.61 -24.66 -0.65
CA ARG B 313 14.45 -24.75 -1.53
C ARG B 313 14.16 -23.46 -2.30
N VAL B 314 14.37 -22.29 -1.69
CA VAL B 314 14.23 -21.01 -2.39
C VAL B 314 15.58 -20.32 -2.43
N HIS B 315 16.03 -19.97 -3.62
CA HIS B 315 17.29 -19.26 -3.81
C HIS B 315 17.02 -17.83 -4.26
N PHE B 316 17.94 -16.94 -3.90
CA PHE B 316 17.72 -15.52 -4.10
C PHE B 316 18.83 -14.96 -4.98
N GLY B 317 18.48 -14.01 -5.83
CA GLY B 317 19.44 -13.41 -6.73
C GLY B 317 20.25 -12.37 -6.00
N ALA B 318 20.67 -11.35 -6.74
N ALA B 318 20.67 -11.34 -6.73
CA ALA B 318 21.25 -10.17 -6.10
CA ALA B 318 21.25 -10.17 -6.10
CA ALA B 318 21.26 -10.18 -6.09
C ALA B 318 20.23 -9.56 -5.16
C ALA B 318 20.23 -9.56 -5.16
C ALA B 318 20.24 -9.54 -5.18
N ARG B 319 20.72 -8.84 -4.15
CA ARG B 319 19.90 -8.25 -3.09
C ARG B 319 19.54 -9.34 -2.07
N GLY B 320 19.43 -10.60 -2.52
CA GLY B 320 19.30 -11.73 -1.61
C GLY B 320 17.94 -11.82 -0.93
N MET B 321 17.88 -12.65 0.11
CA MET B 321 16.69 -12.76 0.93
C MET B 321 16.49 -11.50 1.74
N ARG B 322 15.30 -10.89 1.65
CA ARG B 322 15.00 -9.67 2.39
C ARG B 322 13.58 -9.71 2.96
N ILE B 323 13.41 -9.13 4.14
CA ILE B 323 12.11 -8.93 4.76
C ILE B 323 11.96 -7.46 5.12
N ASN B 324 10.97 -6.79 4.54
CA ASN B 324 10.85 -5.34 4.63
C ASN B 324 12.19 -4.68 4.33
N ASP B 325 12.88 -5.22 3.32
CA ASP B 325 14.17 -4.73 2.81
C ASP B 325 15.34 -4.95 3.75
N GLU B 326 15.16 -5.67 4.87
CA GLU B 326 16.30 -6.02 5.73
C GLU B 326 16.92 -7.33 5.23
N PRO B 327 18.25 -7.42 5.12
CA PRO B 327 18.85 -8.57 4.45
C PRO B 327 19.12 -9.75 5.37
N PHE B 328 19.13 -10.93 4.77
CA PHE B 328 19.56 -12.16 5.43
C PHE B 328 20.67 -12.71 4.54
N ALA B 329 21.87 -12.16 4.73
CA ALA B 329 22.96 -12.34 3.77
C ALA B 329 23.47 -13.78 3.77
N GLY B 330 23.55 -14.38 2.59
CA GLY B 330 24.03 -15.74 2.45
C GLY B 330 23.03 -16.80 2.81
N TYR B 331 21.80 -16.41 3.17
CA TYR B 331 20.76 -17.37 3.54
C TYR B 331 19.84 -17.66 2.36
N SER B 332 19.51 -18.94 2.21
CA SER B 332 18.39 -19.39 1.40
C SER B 332 17.27 -19.80 2.34
N TRP B 333 16.16 -20.26 1.75
CA TRP B 333 14.99 -20.67 2.52
C TRP B 333 14.74 -22.15 2.30
N ASN B 334 14.47 -22.88 3.39
CA ASN B 334 13.99 -24.25 3.29
C ASN B 334 12.58 -24.31 3.91
N LEU B 335 12.04 -25.52 4.06
CA LEU B 335 10.64 -25.61 4.50
C LEU B 335 10.42 -25.17 5.94
N LEU B 336 11.48 -24.97 6.74
CA LEU B 336 11.36 -24.57 8.13
C LEU B 336 11.85 -23.16 8.43
N GLY B 337 12.59 -22.54 7.53
CA GLY B 337 13.14 -21.21 7.80
C GLY B 337 14.39 -20.95 6.97
N ARG B 338 15.31 -20.16 7.53
CA ARG B 338 16.53 -19.80 6.81
C ARG B 338 17.53 -20.96 6.84
N VAL B 339 18.40 -20.99 5.83
CA VAL B 339 19.52 -21.95 5.83
C VAL B 339 20.72 -21.31 5.14
N MET B 340 21.88 -21.40 5.80
CA MET B 340 23.09 -20.76 5.28
C MET B 340 23.61 -21.56 4.08
N THR B 341 23.63 -20.92 2.91
CA THR B 341 24.12 -21.58 1.70
C THR B 341 25.38 -20.95 1.12
N ASP B 342 25.92 -19.89 1.73
CA ASP B 342 27.16 -19.30 1.20
C ASP B 342 27.82 -18.50 2.32
N VAL B 343 28.78 -19.13 3.00
CA VAL B 343 29.53 -18.46 4.08
C VAL B 343 30.24 -17.22 3.55
N GLY B 344 30.70 -17.25 2.30
CA GLY B 344 31.34 -16.10 1.68
C GLY B 344 30.42 -14.90 1.47
N ALA B 345 29.10 -15.08 1.58
CA ALA B 345 28.19 -13.95 1.57
C ALA B 345 27.59 -13.65 2.94
N ALA B 346 27.86 -14.48 3.94
CA ALA B 346 27.28 -14.29 5.25
C ALA B 346 27.78 -12.99 5.87
N ALA B 347 26.90 -12.34 6.63
CA ALA B 347 27.25 -11.10 7.34
C ALA B 347 27.70 -11.35 8.77
N TYR B 348 27.72 -12.60 9.23
CA TYR B 348 28.19 -12.89 10.57
C TYR B 348 28.52 -14.38 10.68
N ALA B 349 29.37 -14.72 11.64
CA ALA B 349 29.95 -16.05 11.74
C ALA B 349 28.87 -17.13 11.72
N THR B 350 29.14 -18.20 10.97
CA THR B 350 28.18 -19.27 10.68
C THR B 350 28.96 -20.38 9.98
N HIS B 351 28.25 -21.47 9.64
CA HIS B 351 28.79 -22.54 8.82
C HIS B 351 27.75 -22.93 7.79
N LEU B 352 28.22 -23.41 6.63
CA LEU B 352 27.34 -23.97 5.61
C LEU B 352 26.32 -24.90 6.26
N GLY B 353 25.04 -24.65 5.98
CA GLY B 353 23.98 -25.51 6.47
C GLY B 353 23.37 -25.10 7.81
N GLU B 354 23.94 -24.12 8.49
CA GLU B 354 23.31 -23.59 9.70
C GLU B 354 21.90 -23.11 9.36
N PHE B 355 20.93 -23.46 10.19
CA PHE B 355 19.55 -23.11 9.88
C PHE B 355 18.81 -22.68 11.14
N GLY B 356 17.65 -22.09 10.94
CA GLY B 356 16.80 -21.71 12.07
C GLY B 356 15.92 -20.54 11.69
N TRP B 357 15.45 -19.83 12.71
CA TRP B 357 14.66 -18.63 12.45
C TRP B 357 14.69 -17.76 13.71
N SER B 358 13.78 -16.79 13.79
CA SER B 358 13.81 -15.76 14.81
C SER B 358 12.41 -15.18 14.95
N GLY B 359 12.24 -14.29 15.94
CA GLY B 359 10.96 -13.69 16.19
C GLY B 359 11.06 -12.18 16.29
N ALA B 360 9.91 -11.54 16.09
CA ALA B 360 9.84 -10.06 16.08
C ALA B 360 10.25 -9.42 17.41
N ALA B 361 10.13 -10.15 18.52
CA ALA B 361 10.58 -9.61 19.80
C ALA B 361 12.03 -9.94 20.10
N ALA B 362 12.79 -10.30 19.06
CA ALA B 362 14.25 -10.51 19.05
C ALA B 362 14.67 -11.87 19.58
N THR B 363 13.76 -12.82 19.80
CA THR B 363 14.20 -14.18 20.06
C THR B 363 14.87 -14.75 18.81
N TYR B 364 15.81 -15.65 19.01
CA TYR B 364 16.62 -16.13 17.91
C TYR B 364 17.11 -17.52 18.25
N PHE B 365 17.14 -18.42 17.26
CA PHE B 365 17.78 -19.72 17.46
C PHE B 365 18.49 -20.16 16.19
N TRP B 366 19.45 -21.07 16.37
CA TRP B 366 20.14 -21.66 15.23
C TRP B 366 20.46 -23.12 15.51
N VAL B 367 20.61 -23.87 14.43
CA VAL B 367 21.08 -25.26 14.45
C VAL B 367 22.23 -25.36 13.47
N ASP B 368 23.38 -25.85 13.93
CA ASP B 368 24.59 -25.90 13.10
C ASP B 368 25.01 -27.36 12.99
N PRO B 369 24.56 -28.07 11.95
CA PRO B 369 24.84 -29.52 11.87
C PRO B 369 26.32 -29.85 11.79
N THR B 370 27.14 -29.02 11.17
CA THR B 370 28.57 -29.33 11.10
C THR B 370 29.23 -29.35 12.47
N LYS B 371 28.63 -28.72 13.48
CA LYS B 371 29.20 -28.69 14.81
C LYS B 371 28.33 -29.41 15.84
N ASN B 372 27.29 -30.14 15.39
CA ASN B 372 26.29 -30.74 16.27
C ASN B 372 25.87 -29.74 17.34
N MET B 373 25.62 -28.51 16.92
CA MET B 373 25.48 -27.37 17.81
C MET B 373 24.11 -26.75 17.65
N THR B 374 23.49 -26.38 18.78
CA THR B 374 22.29 -25.56 18.77
C THR B 374 22.52 -24.37 19.70
N GLY B 375 21.79 -23.29 19.43
CA GLY B 375 21.84 -22.12 20.29
C GLY B 375 20.53 -21.39 20.26
N CYS B 376 20.21 -20.72 21.36
CA CYS B 376 18.99 -19.94 21.43
C CYS B 376 19.21 -18.73 22.32
N VAL B 377 18.72 -17.57 21.88
CA VAL B 377 18.75 -16.32 22.61
C VAL B 377 17.31 -15.89 22.85
N MET B 378 16.93 -15.70 24.12
CA MET B 378 15.59 -15.27 24.48
C MET B 378 15.65 -13.87 25.11
N THR B 379 14.82 -12.96 24.59
CA THR B 379 14.65 -11.61 25.09
C THR B 379 13.30 -11.11 24.57
N GLN B 380 12.89 -9.91 25.01
CA GLN B 380 11.59 -9.37 24.57
C GLN B 380 11.76 -7.90 24.20
N PHE B 381 12.05 -7.65 22.93
CA PHE B 381 12.10 -6.29 22.42
C PHE B 381 11.55 -6.28 21.00
N LEU B 382 10.45 -5.55 20.81
CA LEU B 382 9.81 -5.42 19.50
C LEU B 382 10.42 -4.23 18.76
N GLY B 383 11.17 -4.51 17.70
CA GLY B 383 11.72 -3.46 16.88
C GLY B 383 13.13 -3.05 17.25
N SER B 384 13.95 -4.02 17.61
CA SER B 384 15.33 -3.72 17.95
C SER B 384 16.05 -3.14 16.73
N GLN B 385 16.84 -2.11 16.98
CA GLN B 385 17.79 -1.64 15.99
C GLN B 385 19.12 -2.37 16.10
N HIS B 386 19.20 -3.36 16.99
CA HIS B 386 20.44 -4.07 17.25
C HIS B 386 20.19 -5.56 17.06
N PRO B 387 20.89 -6.21 16.14
CA PRO B 387 20.63 -7.65 15.86
C PRO B 387 21.26 -8.53 16.92
N ILE B 388 20.65 -8.57 18.11
CA ILE B 388 21.24 -9.30 19.22
C ILE B 388 21.35 -10.78 18.89
N GLY B 389 20.33 -11.33 18.22
CA GLY B 389 20.37 -12.75 17.88
C GLY B 389 21.61 -13.12 17.09
N SER B 390 21.93 -12.32 16.06
CA SER B 390 23.11 -12.61 15.26
C SER B 390 24.42 -12.30 16.00
N ASP B 391 24.44 -11.28 16.84
CA ASP B 391 25.63 -11.02 17.66
C ASP B 391 25.95 -12.20 18.57
N MET B 392 24.91 -12.81 19.16
CA MET B 392 25.13 -13.92 20.06
C MET B 392 25.54 -15.19 19.30
N GLN B 393 24.90 -15.47 18.16
CA GLN B 393 25.39 -16.58 17.33
C GLN B 393 26.86 -16.38 17.00
N ALA B 394 27.23 -15.17 16.56
CA ALA B 394 28.62 -14.92 16.20
C ALA B 394 29.54 -15.19 17.38
N ALA B 395 29.17 -14.69 18.55
CA ALA B 395 30.00 -14.89 19.73
C ALA B 395 30.16 -16.38 20.02
N ALA B 396 29.06 -17.15 19.92
CA ALA B 396 29.15 -18.58 20.20
C ALA B 396 30.00 -19.30 19.16
N MET B 397 29.80 -18.95 17.89
CA MET B 397 30.65 -19.50 16.83
C MET B 397 32.12 -19.23 17.12
N SER B 398 32.43 -18.00 17.53
CA SER B 398 33.81 -17.62 17.81
C SER B 398 34.36 -18.34 19.04
N MET B 399 33.51 -18.85 19.91
CA MET B 399 33.99 -19.50 21.11
C MET B 399 34.23 -21.00 20.92
N LEU B 400 33.89 -21.56 19.78
CA LEU B 400 34.31 -22.92 19.50
C LEU B 400 35.72 -22.93 18.93
N GLY B 401 36.25 -24.14 18.71
CA GLY B 401 37.56 -24.30 18.10
C GLY B 401 37.49 -24.72 16.65
#